data_8DV1
#
_entry.id   8DV1
#
_cell.length_a   1.00
_cell.length_b   1.00
_cell.length_c   1.00
_cell.angle_alpha   90.00
_cell.angle_beta   90.00
_cell.angle_gamma   90.00
#
_symmetry.space_group_name_H-M   'P 1'
#
loop_
_entity.id
_entity.type
_entity.pdbx_description
1 polymer 'Spike glycoprotein'
2 polymer 'Angiotensin-converting enzyme 2,Immunoglobulin gamma-1 heavy chain fusion,Immunoglobulin gamma-1 heavy chain'
3 non-polymer 2-acetamido-2-deoxy-beta-D-glucopyranose
#
loop_
_entity_poly.entity_id
_entity_poly.type
_entity_poly.pdbx_seq_one_letter_code
_entity_poly.pdbx_strand_id
1 'polypeptide(L)'
;MFVFLVLLPLVSSQCVNLTTRTQLPPAYTNSFTRGVYYPDKVFRSSVLHSTQDLFLPFFSNVTWFHAIHVSGTNGTKRFD
NPVLPFNDGVYFASTEKSNIIRGWIFGTTLDSKTQSLLIVNNATNVVIKVCEFQFCNDPFLGVYYHKNNKSWMESEFRVY
SSANNCTFEYVSQPFLMDLEGKQGNFKNLREFVFKNIDGYFKIYSKHTPINLVRDLPQGFSALEPLVDLPIGINITRFQT
LLALHRSYLTPGDSSSGWTAGAAAYYVGYLQPRTFLLKYNENGTITDAVDCALDPLSETKCTLKSFTVEKGIYQTSNFRV
QPTESIVRFPNITNLCPFGEVFNATRFASVYAWNRKRISNCVADYSVLYNSASFSTFKCYGVSPTKLNDLCFTNVYADSF
VIRGDEVRQIAPGQTGKIADYNYKLPDDFTGCVIAWNSNNLDSKVGGNYNYLYRLFRKSNLKPFERDISTEIYQAGSTPC
NGVEGFNCYFPLQSYGFQPTNGVGYQPYRVVVLSFELLHAPATVCGPKKSTNLVKNKCVNFNFNGLTGTGVLTESNKKFL
PFQQFGRDIADTTDAVRDPQTLEILDITPCSFGGVSVITPGTNTSNQVAVLYQDVNCTEVPVAIHADQLTPTWRVYSTGS
NVFQTRAGCLIGAEHVNNSYECDIPIGAGICASYQTQTNSPGSASSVASQSIIAYTMSLGAENSVAYSNNSIAIPTNFTI
SVTTEILPVSMTKTSVDCTMYICGDSTECSNLLLQYGSFCTQLNRALTGIAVEQDKNTQEVFAQVKQIYKTPPIKDFGGF
NFSQILPDPSKPSKRSFIEDLLFNKVTLADAGFIKQYGDCLGDIAARDLICAQKFNGLTVLPPLLTDEMIAQYTSALLAG
TITSGWTFGAGAALQIPFAMQMAYRFNGIGVTQNVLYENQKLIANQFNSAIGKIQDSLSSTASALGKLQDVVNQNAQALN
TLVKQLSSNFGAISSVLNDILSRLDPPEAEVQIDRLITGRLQSLQTYVTQQLIRAAEIRASANLAATKMSECVLGQSKRV
DFCGKGYHLMSFPQSAPHGVVFLHVTYVPAQEKNFTTAPAICHDGKAHFPREGVFVSNGTHWFVTQRNFYEPQIITTDNT
FVSGNCDVVIGIVNNTVYDPLQPELDSFKEELDKYFKNHTSPDVDLGDISGINASVVNIQKEIDRLNEVAKNLNESLIDL
QELGKYEQ
;
A
2 'polypeptide(L)'
;QSTIEEQAKTFLDFFDSQAEDLFYQSSLASWNYNTNITEENVQNMNNAGDKWSAFLKEQSTLAQMYPLQEIQNLTVKLQL
QALQQNGSSVLSEDKSKRLNTILNTMSTIYSTGKVCNPDNPQECLLLEPGLNEIMANSLDYNERLWAWESWRSEVGKQLR
PLYEEYVVLKNEMARANHYEDYGDYWRGDYEVNGVDGYDYSRGQLIEDVEHTFEEIKPLYEHLHAYVRAKLMNAYPSYIS
PIGCLPAHLLGDMWGRFWTNLYSLTVPFGQKPNIDVTDAMVDQAWDAQRIFKEAEKFFVSVGLPNMTQGFWENSMLTDPG
NVQKAVCHPTAWDLGKGDFRILMCTKVTMDDFLTAHHEMGHIQYDMAYAAQPFLLRNGANEGFHEAVGEIMSLSAATPKH
LKSIGLLSPDFQEDNETEINFLLKQALTIVGTLPFTYMLEKWRWMVFKGEIPKDQWMKKWWEMKREIVGVVEPVPHDETY
CDPASLFHVSNDYSFIRYYTRTLYQFQFQEALCQAAKHEGPLHKCDISNSTEAGQKLFNMLRLGKSEPWTLALENVVGAK
NMNVRPLLNYFEPLFTWLKDQNKNSFVGWSTDWSPYADQSIKVRISLKSALGDKAYEWNDNEMYLFRSSVAYAMRQYFLK
VKNQMILFGEEDVRVANLKPRISFNFFVTAPKNVSDIIPRTEVEKAIRMSRSRINDAFRLNDNSLEFLGIQPTLGPPNQP
PVSGSSGGGGSGGGGEPKSCDKTHTCPPCPAPELLGGPSVFLFPPKPKDTLMISRTPEVTCVVVDVSHEDPEVKFNWYVD
GVEVHNAKTKPREEQYNSTYRVVSVLTVLHQDWLNGKEYKCKVSNKALPAPIEKTISKAKGQPREPQVYTLPPSRDELTK
NQVSLTCLVKGFYPSDIAVEWESNGQPENNYKTTPPVLDSDGSFFLYSKLTVDKSRWQQGNVFSCSVMHEALHNHYTQKS
LSLSPGK
;
D
#
loop_
_chem_comp.id
_chem_comp.type
_chem_comp.name
_chem_comp.formula
NAG D-saccharide, beta linking 2-acetamido-2-deoxy-beta-D-glucopyranose 'C8 H15 N O6'
#
# COMPACT_ATOMS: atom_id res chain seq x y z
N PRO A 330 -11.39 -65.75 -3.77
CA PRO A 330 -10.31 -64.92 -3.25
C PRO A 330 -10.86 -63.71 -2.49
N ASN A 331 -11.01 -63.88 -1.19
CA ASN A 331 -11.42 -62.83 -0.24
C ASN A 331 -10.17 -62.15 0.37
N ILE A 332 -10.30 -60.91 0.84
CA ILE A 332 -9.19 -60.05 1.24
C ILE A 332 -9.46 -59.35 2.57
N THR A 333 -8.46 -59.33 3.45
CA THR A 333 -8.57 -58.80 4.83
C THR A 333 -7.26 -58.20 5.34
N ASN A 334 -6.10 -58.69 4.88
CA ASN A 334 -4.79 -58.09 5.12
C ASN A 334 -4.58 -56.85 4.22
N LEU A 335 -5.47 -55.87 4.33
CA LEU A 335 -5.41 -54.64 3.54
C LEU A 335 -4.27 -53.76 4.02
N CYS A 336 -3.75 -52.91 3.14
CA CYS A 336 -2.66 -52.01 3.47
C CYS A 336 -3.09 -50.88 4.43
N PRO A 337 -2.27 -50.47 5.39
CA PRO A 337 -2.62 -49.46 6.41
C PRO A 337 -2.61 -48.01 5.91
N PHE A 338 -2.95 -47.75 4.64
CA PHE A 338 -3.02 -46.38 4.11
C PHE A 338 -3.97 -45.50 4.92
N GLY A 339 -5.04 -46.07 5.45
CA GLY A 339 -6.02 -45.38 6.28
C GLY A 339 -5.43 -44.73 7.53
N GLU A 340 -4.22 -45.12 7.97
CA GLU A 340 -3.49 -44.47 9.05
C GLU A 340 -2.64 -43.32 8.54
N VAL A 341 -1.77 -43.56 7.57
CA VAL A 341 -0.72 -42.60 7.20
C VAL A 341 -1.28 -41.33 6.58
N PHE A 342 -2.36 -41.39 5.81
CA PHE A 342 -3.02 -40.20 5.28
C PHE A 342 -3.83 -39.43 6.32
N ASN A 343 -3.95 -39.95 7.54
CA ASN A 343 -4.99 -39.58 8.48
C ASN A 343 -4.42 -39.47 9.88
N ALA A 344 -3.17 -39.01 9.96
CA ALA A 344 -2.34 -39.21 11.12
C ALA A 344 -2.51 -38.08 12.09
N THR A 345 -2.24 -38.33 13.36
CA THR A 345 -2.35 -37.26 14.34
C THR A 345 -1.35 -36.15 14.01
N ARG A 346 -0.10 -36.54 13.69
CA ARG A 346 0.96 -35.60 13.35
C ARG A 346 1.81 -36.06 12.19
N PHE A 347 2.26 -35.10 11.41
CA PHE A 347 3.24 -35.27 10.35
C PHE A 347 4.57 -34.71 10.75
N ALA A 348 5.61 -35.26 10.17
CA ALA A 348 6.98 -34.81 10.39
C ALA A 348 7.28 -33.49 9.74
N SER A 349 8.30 -32.85 10.26
CA SER A 349 8.85 -31.65 9.69
C SER A 349 9.40 -32.05 8.34
N VAL A 350 9.36 -31.17 7.37
CA VAL A 350 9.86 -31.54 6.06
C VAL A 350 11.33 -31.84 6.05
N TYR A 351 12.11 -31.17 6.89
CA TYR A 351 13.56 -31.44 6.87
C TYR A 351 13.88 -32.86 7.33
N ALA A 352 12.95 -33.49 8.05
CA ALA A 352 13.14 -34.81 8.62
C ALA A 352 11.90 -35.60 8.38
N TRP A 353 11.60 -35.81 7.12
CA TRP A 353 10.39 -36.43 6.65
C TRP A 353 10.33 -37.89 7.03
N ASN A 354 9.12 -38.44 7.24
CA ASN A 354 8.99 -39.84 7.61
C ASN A 354 8.93 -40.74 6.42
N ARG A 355 9.37 -41.99 6.59
CA ARG A 355 9.33 -43.01 5.55
C ARG A 355 8.54 -44.25 5.98
N LYS A 356 7.28 -44.40 5.59
CA LYS A 356 6.50 -45.58 5.99
C LYS A 356 6.61 -46.67 4.93
N ARG A 357 7.26 -47.79 5.24
CA ARG A 357 7.35 -48.99 4.37
C ARG A 357 6.07 -49.79 4.39
N ILE A 358 5.41 -49.97 3.24
CA ILE A 358 4.19 -50.79 3.13
C ILE A 358 4.47 -52.00 2.23
N SER A 359 4.27 -53.21 2.76
CA SER A 359 4.59 -54.50 2.15
C SER A 359 3.72 -55.62 2.78
N ASN A 360 3.64 -56.78 2.11
CA ASN A 360 2.76 -57.91 2.46
C ASN A 360 1.31 -57.45 2.73
N CYS A 361 0.64 -56.80 1.77
CA CYS A 361 -0.74 -56.37 1.94
C CYS A 361 -1.51 -56.13 0.63
N VAL A 362 -2.85 -56.21 0.71
CA VAL A 362 -3.79 -55.88 -0.37
C VAL A 362 -4.13 -54.39 -0.35
N ALA A 363 -3.71 -53.65 -1.36
CA ALA A 363 -4.04 -52.23 -1.50
C ALA A 363 -5.41 -52.01 -2.16
N ASP A 364 -6.02 -50.86 -1.86
CA ASP A 364 -7.18 -50.34 -2.59
C ASP A 364 -7.05 -48.81 -2.64
N TYR A 365 -6.33 -48.31 -3.64
CA TYR A 365 -6.07 -46.88 -3.81
C TYR A 365 -7.33 -46.05 -4.10
N SER A 366 -8.51 -46.67 -4.31
CA SER A 366 -9.69 -45.95 -4.78
C SER A 366 -10.20 -45.03 -3.71
N VAL A 367 -9.99 -45.36 -2.43
CA VAL A 367 -10.47 -44.55 -1.30
C VAL A 367 -9.68 -43.24 -1.18
N LEU A 368 -8.50 -43.18 -1.81
CA LEU A 368 -7.71 -41.96 -1.96
C LEU A 368 -8.18 -41.17 -3.19
N TYR A 369 -8.21 -41.75 -4.38
CA TYR A 369 -8.50 -40.99 -5.59
C TYR A 369 -9.91 -40.49 -5.68
N ASN A 370 -10.83 -41.16 -5.00
CA ASN A 370 -12.20 -40.71 -5.03
C ASN A 370 -12.51 -39.83 -3.83
N SER A 371 -11.49 -39.45 -3.06
CA SER A 371 -11.69 -38.60 -1.92
C SER A 371 -11.70 -37.13 -2.30
N ALA A 372 -12.62 -36.40 -1.70
CA ALA A 372 -12.73 -34.97 -1.91
C ALA A 372 -11.85 -34.18 -0.95
N SER A 373 -11.17 -34.91 -0.05
CA SER A 373 -10.34 -34.29 0.98
C SER A 373 -8.99 -33.81 0.48
N PHE A 374 -8.60 -34.21 -0.71
CA PHE A 374 -7.29 -33.85 -1.19
C PHE A 374 -7.39 -32.79 -2.25
N SER A 375 -6.44 -31.87 -2.29
CA SER A 375 -6.46 -30.87 -3.35
C SER A 375 -5.55 -31.26 -4.47
N THR A 376 -4.54 -32.04 -4.13
CA THR A 376 -3.52 -32.39 -5.07
C THR A 376 -3.32 -33.88 -5.25
N PHE A 377 -3.31 -34.30 -6.51
CA PHE A 377 -2.99 -35.67 -6.93
C PHE A 377 -2.08 -35.63 -8.14
N LYS A 378 -0.79 -35.55 -7.93
CA LYS A 378 0.10 -35.45 -9.07
C LYS A 378 0.80 -36.75 -9.35
N CYS A 379 0.35 -37.44 -10.38
CA CYS A 379 0.93 -38.73 -10.70
C CYS A 379 1.92 -38.60 -11.84
N TYR A 380 3.07 -39.23 -11.64
CA TYR A 380 4.15 -39.18 -12.62
C TYR A 380 4.43 -40.51 -13.28
N GLY A 381 4.22 -41.59 -12.55
CA GLY A 381 4.48 -42.93 -13.08
C GLY A 381 3.18 -43.69 -13.24
N VAL A 382 2.80 -44.33 -12.15
CA VAL A 382 1.55 -45.05 -12.03
C VAL A 382 0.46 -44.00 -12.14
N SER A 383 -0.77 -44.41 -12.32
CA SER A 383 -1.84 -43.44 -12.44
C SER A 383 -3.10 -43.91 -11.69
N PRO A 384 -4.06 -43.02 -11.35
CA PRO A 384 -5.29 -43.28 -10.61
C PRO A 384 -6.19 -44.31 -11.23
N THR A 385 -6.04 -44.54 -12.53
CA THR A 385 -6.88 -45.47 -13.25
C THR A 385 -6.23 -46.84 -13.44
N LYS A 386 -4.98 -46.97 -13.01
CA LYS A 386 -4.29 -48.24 -13.15
C LYS A 386 -3.99 -48.86 -11.81
N LEU A 387 -3.67 -48.04 -10.83
CA LEU A 387 -3.21 -48.46 -9.51
C LEU A 387 -4.10 -49.51 -8.85
N ASN A 388 -5.42 -49.39 -9.00
CA ASN A 388 -6.39 -50.33 -8.43
C ASN A 388 -6.13 -51.78 -8.85
N ASP A 389 -5.38 -52.00 -9.93
CA ASP A 389 -5.11 -53.30 -10.52
C ASP A 389 -3.60 -53.61 -10.63
N LEU A 390 -2.71 -52.82 -10.04
CA LEU A 390 -1.27 -53.04 -10.20
C LEU A 390 -0.64 -53.66 -8.96
N CYS A 391 0.41 -54.46 -9.17
CA CYS A 391 1.21 -55.00 -8.09
C CYS A 391 2.57 -54.34 -8.02
N PHE A 392 3.14 -54.27 -6.82
CA PHE A 392 4.39 -53.62 -6.45
C PHE A 392 5.02 -54.41 -5.31
N THR A 393 6.32 -54.32 -5.07
CA THR A 393 6.93 -55.09 -3.97
C THR A 393 7.04 -54.29 -2.68
N ASN A 394 7.27 -52.99 -2.80
CA ASN A 394 7.08 -52.06 -1.71
C ASN A 394 6.42 -50.83 -2.28
N VAL A 395 5.53 -50.25 -1.51
CA VAL A 395 5.08 -48.89 -1.70
C VAL A 395 5.57 -48.12 -0.50
N TYR A 396 6.10 -46.92 -0.67
CA TYR A 396 6.57 -46.17 0.48
C TYR A 396 5.82 -44.89 0.56
N ALA A 397 5.23 -44.61 1.72
CA ALA A 397 4.47 -43.40 1.94
C ALA A 397 5.35 -42.42 2.70
N ASP A 398 5.94 -41.44 2.01
CA ASP A 398 6.77 -40.48 2.71
C ASP A 398 5.81 -39.44 3.26
N SER A 399 6.04 -38.91 4.46
CA SER A 399 5.09 -37.87 4.91
C SER A 399 5.69 -36.72 5.71
N PHE A 400 5.13 -35.52 5.43
CA PHE A 400 5.59 -34.29 6.06
C PHE A 400 4.69 -33.04 5.92
N VAL A 401 4.98 -32.01 6.74
CA VAL A 401 4.31 -30.69 6.62
C VAL A 401 5.18 -29.59 6.01
N ILE A 402 4.59 -28.92 5.01
CA ILE A 402 5.19 -27.79 4.31
C ILE A 402 4.27 -26.59 4.21
N ARG A 403 4.84 -25.47 3.82
CA ARG A 403 4.05 -24.28 3.53
C ARG A 403 3.41 -24.48 2.16
N GLY A 404 2.16 -24.05 1.98
CA GLY A 404 1.43 -24.27 0.72
C GLY A 404 2.09 -23.84 -0.58
N ASP A 405 2.84 -22.75 -0.58
CA ASP A 405 3.48 -22.36 -1.84
C ASP A 405 4.52 -23.37 -2.31
N GLU A 406 4.97 -24.23 -1.40
CA GLU A 406 6.01 -25.18 -1.68
C GLU A 406 5.44 -26.51 -2.19
N VAL A 407 4.12 -26.63 -2.29
CA VAL A 407 3.52 -27.87 -2.78
C VAL A 407 4.00 -28.13 -4.19
N ARG A 408 4.13 -27.08 -4.98
CA ARG A 408 4.54 -27.20 -6.37
C ARG A 408 5.96 -27.71 -6.53
N GLN A 409 6.77 -27.68 -5.47
CA GLN A 409 8.15 -28.14 -5.60
C GLN A 409 8.23 -29.63 -5.43
N ILE A 410 7.18 -30.27 -4.96
CA ILE A 410 7.33 -31.68 -4.74
C ILE A 410 6.91 -32.41 -5.98
N ALA A 411 7.88 -32.51 -6.86
CA ALA A 411 7.70 -33.13 -8.15
C ALA A 411 9.06 -33.43 -8.78
N PRO A 412 9.14 -34.41 -9.67
CA PRO A 412 10.27 -34.70 -10.49
C PRO A 412 10.57 -33.48 -11.31
N GLY A 413 11.84 -33.16 -11.52
CA GLY A 413 12.19 -32.01 -12.33
C GLY A 413 12.16 -30.67 -11.61
N GLN A 414 11.78 -30.66 -10.32
CA GLN A 414 11.70 -29.37 -9.64
C GLN A 414 12.91 -29.01 -8.82
N THR A 415 13.04 -27.70 -8.59
CA THR A 415 14.07 -27.07 -7.78
C THR A 415 13.42 -26.12 -6.77
N GLY A 416 14.23 -25.55 -5.88
CA GLY A 416 13.69 -24.67 -4.87
C GLY A 416 14.14 -25.19 -3.52
N LYS A 417 13.93 -24.43 -2.45
CA LYS A 417 14.44 -24.84 -1.13
C LYS A 417 13.90 -26.18 -0.66
N ILE A 418 12.70 -26.64 -1.04
CA ILE A 418 12.29 -27.94 -0.59
C ILE A 418 12.81 -28.99 -1.53
N ALA A 419 12.58 -28.76 -2.81
CA ALA A 419 13.01 -29.75 -3.78
C ALA A 419 14.51 -29.98 -3.76
N ASP A 420 15.29 -28.93 -3.51
CA ASP A 420 16.71 -29.06 -3.53
C ASP A 420 17.26 -29.66 -2.26
N TYR A 421 16.71 -29.29 -1.10
CA TYR A 421 17.29 -29.88 0.09
C TYR A 421 16.48 -30.28 1.31
N ASN A 422 15.16 -30.29 1.23
CA ASN A 422 14.40 -30.80 2.35
C ASN A 422 13.83 -32.15 1.98
N TYR A 423 13.41 -32.25 0.72
CA TYR A 423 12.80 -33.48 0.23
C TYR A 423 12.83 -33.53 -1.28
N LYS A 424 13.70 -34.38 -1.79
CA LYS A 424 13.91 -34.49 -3.23
C LYS A 424 13.27 -35.72 -3.84
N LEU A 425 12.49 -35.53 -4.91
CA LEU A 425 11.94 -36.64 -5.66
C LEU A 425 12.77 -36.79 -6.90
N PRO A 426 13.04 -38.03 -7.36
CA PRO A 426 13.80 -38.32 -8.53
C PRO A 426 13.07 -37.91 -9.79
N ASP A 427 13.83 -37.59 -10.81
CA ASP A 427 13.25 -37.17 -12.07
C ASP A 427 12.46 -38.29 -12.76
N ASP A 428 12.78 -39.55 -12.42
CA ASP A 428 12.10 -40.71 -12.95
C ASP A 428 11.15 -41.35 -11.92
N PHE A 429 10.68 -40.54 -10.96
CA PHE A 429 9.76 -40.99 -9.93
C PHE A 429 8.57 -41.73 -10.49
N THR A 430 8.31 -42.89 -9.90
CA THR A 430 7.29 -43.82 -10.33
C THR A 430 5.91 -43.65 -9.74
N GLY A 431 5.79 -42.78 -8.77
CA GLY A 431 4.54 -42.68 -8.06
C GLY A 431 3.67 -41.49 -8.29
N CYS A 432 3.01 -41.12 -7.16
CA CYS A 432 2.04 -40.03 -7.05
C CYS A 432 2.21 -39.21 -5.78
N VAL A 433 2.06 -37.90 -5.93
CA VAL A 433 2.12 -36.96 -4.81
C VAL A 433 0.74 -36.50 -4.41
N ILE A 434 0.37 -36.75 -3.17
CA ILE A 434 -0.95 -36.38 -2.71
C ILE A 434 -0.88 -35.37 -1.57
N ALA A 435 -1.63 -34.28 -1.69
CA ALA A 435 -1.53 -33.25 -0.64
C ALA A 435 -2.84 -32.55 -0.33
N TRP A 436 -2.91 -32.03 0.90
CA TRP A 436 -4.09 -31.30 1.32
C TRP A 436 -3.80 -30.22 2.35
N ASN A 437 -4.69 -29.24 2.40
CA ASN A 437 -4.61 -28.14 3.34
C ASN A 437 -4.88 -28.61 4.75
N SER A 438 -4.04 -28.22 5.70
CA SER A 438 -4.21 -28.60 7.09
C SER A 438 -4.30 -27.37 7.98
N ASN A 439 -4.76 -26.26 7.43
CA ASN A 439 -4.78 -25.03 8.22
C ASN A 439 -5.53 -25.17 9.52
N ASN A 440 -6.60 -25.95 9.54
CA ASN A 440 -7.36 -26.07 10.77
C ASN A 440 -6.85 -27.16 11.69
N LEU A 441 -5.75 -27.80 11.33
CA LEU A 441 -5.21 -28.84 12.15
C LEU A 441 -3.87 -28.41 12.72
N ASP A 442 -3.04 -27.87 11.83
CA ASP A 442 -1.69 -27.48 12.16
C ASP A 442 -1.48 -26.00 12.50
N SER A 443 -2.29 -25.07 12.00
CA SER A 443 -1.98 -23.68 12.31
C SER A 443 -2.43 -23.35 13.71
N LYS A 444 -1.75 -22.43 14.39
CA LYS A 444 -2.19 -22.06 15.74
C LYS A 444 -2.21 -20.58 15.89
N VAL A 445 -3.06 -20.07 16.77
CA VAL A 445 -3.05 -18.64 16.96
C VAL A 445 -1.80 -18.31 17.71
N GLY A 446 -1.03 -17.35 17.21
CA GLY A 446 0.23 -16.99 17.83
C GLY A 446 1.42 -17.62 17.12
N GLY A 447 1.14 -18.61 16.26
CA GLY A 447 2.18 -19.26 15.48
C GLY A 447 2.58 -20.66 15.91
N ASN A 448 2.39 -21.60 14.99
CA ASN A 448 2.80 -22.96 15.22
C ASN A 448 4.18 -23.06 14.63
N TYR A 449 5.20 -23.04 15.50
CA TYR A 449 6.60 -23.06 15.10
C TYR A 449 7.19 -24.46 15.19
N ASN A 450 6.37 -25.50 15.34
CA ASN A 450 6.89 -26.84 15.54
C ASN A 450 7.30 -27.53 14.25
N TYR A 451 7.03 -26.92 13.11
CA TYR A 451 7.41 -27.53 11.85
C TYR A 451 8.61 -26.83 11.29
N LEU A 452 9.68 -27.60 11.11
CA LEU A 452 10.93 -27.04 10.60
C LEU A 452 11.25 -27.41 9.19
N TYR A 453 11.89 -26.48 8.48
CA TYR A 453 12.43 -26.71 7.16
C TYR A 453 13.86 -26.29 7.16
N ARG A 454 14.65 -26.93 6.31
CA ARG A 454 16.00 -26.56 6.16
C ARG A 454 16.11 -25.40 5.23
N LEU A 455 16.73 -24.36 5.74
CA LEU A 455 17.06 -23.16 5.03
C LEU A 455 18.39 -23.33 4.31
N PHE A 456 19.38 -24.04 4.90
CA PHE A 456 20.66 -24.18 4.22
C PHE A 456 21.29 -25.59 4.22
N ARG A 457 21.96 -25.88 3.10
CA ARG A 457 22.85 -27.03 2.90
C ARG A 457 24.07 -26.61 2.12
N LYS A 458 25.11 -27.41 2.21
CA LYS A 458 26.33 -27.14 1.46
C LYS A 458 26.28 -27.78 0.07
N SER A 459 25.24 -28.56 -0.18
CA SER A 459 25.00 -29.29 -1.43
C SER A 459 23.54 -29.65 -1.54
N ASN A 460 23.11 -30.11 -2.69
CA ASN A 460 21.71 -30.52 -2.85
C ASN A 460 21.57 -31.98 -2.47
N LEU A 461 20.34 -32.38 -2.12
CA LEU A 461 20.06 -33.77 -1.77
C LEU A 461 19.84 -34.67 -2.96
N LYS A 462 20.16 -35.94 -2.76
CA LYS A 462 19.86 -36.97 -3.72
C LYS A 462 18.40 -37.35 -3.49
N PRO A 463 17.72 -37.95 -4.45
CA PRO A 463 16.38 -38.42 -4.28
C PRO A 463 16.28 -39.30 -3.08
N PHE A 464 15.26 -39.05 -2.28
CA PHE A 464 14.97 -39.76 -1.05
C PHE A 464 16.06 -39.73 0.01
N GLU A 465 16.95 -38.76 -0.08
CA GLU A 465 17.96 -38.56 0.95
C GLU A 465 17.32 -37.74 2.05
N ARG A 466 17.74 -37.96 3.29
CA ARG A 466 17.26 -37.17 4.41
C ARG A 466 18.47 -36.64 5.16
N ASP A 467 18.48 -35.35 5.46
CA ASP A 467 19.60 -34.75 6.18
C ASP A 467 19.09 -34.04 7.43
N ILE A 468 19.46 -34.58 8.57
CA ILE A 468 18.96 -34.06 9.84
C ILE A 468 20.04 -33.44 10.70
N SER A 469 21.17 -33.08 10.08
CA SER A 469 22.24 -32.40 10.81
C SER A 469 21.80 -31.03 11.25
N THR A 470 22.23 -30.64 12.44
CA THR A 470 21.92 -29.35 13.02
C THR A 470 23.16 -28.48 13.20
N GLU A 471 24.23 -28.83 12.52
CA GLU A 471 25.46 -28.05 12.65
C GLU A 471 25.23 -26.68 12.04
N ILE A 472 26.00 -25.69 12.46
CA ILE A 472 25.91 -24.36 11.88
C ILE A 472 26.43 -24.29 10.46
N TYR A 473 25.64 -23.67 9.60
CA TYR A 473 25.96 -23.51 8.21
C TYR A 473 26.94 -22.39 8.04
N GLN A 474 28.01 -22.68 7.33
CA GLN A 474 29.03 -21.72 7.10
C GLN A 474 28.82 -21.03 5.77
N ALA A 475 28.66 -19.71 5.74
CA ALA A 475 28.66 -18.94 4.48
C ALA A 475 29.96 -18.19 4.24
N GLY A 476 30.64 -17.79 5.31
CA GLY A 476 31.91 -17.05 5.26
C GLY A 476 33.14 -17.95 5.20
N SER A 477 34.29 -17.36 5.48
CA SER A 477 35.55 -18.09 5.58
C SER A 477 35.73 -18.94 6.84
N THR A 478 34.87 -18.81 7.88
CA THR A 478 35.07 -19.47 9.16
C THR A 478 33.85 -20.23 9.63
N PRO A 479 34.01 -21.40 10.28
CA PRO A 479 32.97 -22.18 10.90
C PRO A 479 32.46 -21.53 12.17
N CYS A 480 33.21 -20.50 12.67
CA CYS A 480 32.95 -19.68 13.85
C CYS A 480 32.73 -20.48 15.12
N ASN A 481 33.24 -21.70 15.13
CA ASN A 481 33.13 -22.66 16.22
C ASN A 481 31.69 -23.07 16.54
N GLY A 482 30.83 -23.19 15.52
CA GLY A 482 29.51 -23.73 15.78
C GLY A 482 28.50 -22.81 16.45
N VAL A 483 28.57 -21.53 16.18
CA VAL A 483 27.63 -20.61 16.81
C VAL A 483 26.96 -19.80 15.72
N GLU A 484 25.81 -19.19 15.97
CA GLU A 484 25.23 -18.23 15.03
C GLU A 484 26.04 -16.92 15.07
N GLY A 485 26.25 -16.27 13.92
CA GLY A 485 27.08 -15.07 13.88
C GLY A 485 27.25 -14.55 12.46
N PHE A 486 28.25 -13.70 12.24
CA PHE A 486 28.50 -13.14 10.91
C PHE A 486 28.85 -14.24 9.90
N ASN A 487 27.96 -14.46 8.92
CA ASN A 487 28.04 -15.55 7.94
C ASN A 487 28.01 -16.98 8.56
N CYS A 488 27.35 -17.12 9.70
CA CYS A 488 27.09 -18.37 10.43
C CYS A 488 25.61 -18.49 10.73
N TYR A 489 24.90 -19.49 10.22
CA TYR A 489 23.45 -19.56 10.36
C TYR A 489 23.02 -20.93 10.86
N PHE A 490 22.01 -21.02 11.72
CA PHE A 490 21.48 -22.31 12.10
C PHE A 490 20.60 -22.74 10.93
N PRO A 491 20.84 -23.90 10.30
CA PRO A 491 20.19 -24.33 9.08
C PRO A 491 18.72 -24.63 9.15
N LEU A 492 18.15 -24.88 10.33
CA LEU A 492 16.74 -25.21 10.39
C LEU A 492 15.92 -24.09 10.97
N GLN A 493 14.96 -23.62 10.21
CA GLN A 493 14.07 -22.52 10.59
C GLN A 493 12.64 -23.00 10.62
N SER A 494 11.85 -22.41 11.51
CA SER A 494 10.47 -22.80 11.73
C SER A 494 9.53 -22.03 10.84
N TYR A 495 8.45 -22.67 10.42
CA TYR A 495 7.41 -22.01 9.66
C TYR A 495 6.43 -21.36 10.60
N GLY A 496 6.21 -20.06 10.53
CA GLY A 496 5.27 -19.40 11.44
C GLY A 496 3.82 -19.62 11.01
N PHE A 497 3.25 -20.81 11.22
CA PHE A 497 1.89 -21.04 10.72
C PHE A 497 0.79 -20.51 11.65
N GLN A 498 -0.11 -19.72 11.07
CA GLN A 498 -1.21 -19.10 11.77
C GLN A 498 -2.49 -19.23 10.93
N PRO A 499 -3.65 -19.44 11.56
CA PRO A 499 -4.91 -19.66 10.89
C PRO A 499 -5.35 -18.54 10.00
N THR A 500 -4.80 -17.35 10.23
CA THR A 500 -5.12 -16.16 9.49
C THR A 500 -4.17 -15.90 8.34
N ASN A 501 -3.17 -16.75 8.15
CA ASN A 501 -2.23 -16.53 7.06
C ASN A 501 -3.01 -16.74 5.77
N GLY A 502 -2.59 -16.10 4.69
CA GLY A 502 -3.31 -16.28 3.44
C GLY A 502 -2.93 -17.59 2.80
N VAL A 503 -3.64 -17.96 1.76
CA VAL A 503 -3.35 -19.23 1.13
C VAL A 503 -2.00 -19.13 0.47
N GLY A 504 -1.22 -20.16 0.70
CA GLY A 504 0.15 -20.28 0.25
C GLY A 504 1.04 -20.19 1.48
N TYR A 505 0.62 -19.47 2.51
CA TYR A 505 1.27 -19.42 3.82
C TYR A 505 0.58 -20.32 4.84
N GLN A 506 -0.37 -21.15 4.41
CA GLN A 506 -1.05 -22.09 5.26
C GLN A 506 -0.26 -23.38 5.17
N PRO A 507 -0.26 -24.22 6.18
CA PRO A 507 0.37 -25.52 6.15
C PRO A 507 -0.38 -26.48 5.30
N TYR A 508 0.37 -27.35 4.67
CA TYR A 508 -0.10 -28.47 3.89
C TYR A 508 0.53 -29.78 4.30
N ARG A 509 -0.29 -30.79 4.30
CA ARG A 509 0.17 -32.13 4.58
C ARG A 509 0.40 -32.85 3.30
N VAL A 510 1.59 -33.42 3.18
CA VAL A 510 1.94 -34.09 1.96
C VAL A 510 2.33 -35.53 2.20
N VAL A 511 1.71 -36.45 1.46
CA VAL A 511 2.06 -37.86 1.46
C VAL A 511 2.50 -38.25 0.08
N VAL A 512 3.68 -38.84 -0.05
CA VAL A 512 4.14 -39.25 -1.37
C VAL A 512 4.22 -40.73 -1.46
N LEU A 513 3.50 -41.35 -2.39
CA LEU A 513 3.56 -42.79 -2.58
C LEU A 513 4.61 -43.09 -3.63
N SER A 514 5.71 -43.70 -3.24
CA SER A 514 6.79 -44.13 -4.13
C SER A 514 6.61 -45.62 -4.39
N PHE A 515 6.73 -46.09 -5.62
CA PHE A 515 6.44 -47.50 -5.91
C PHE A 515 7.66 -48.19 -6.49
N GLU A 516 7.93 -49.41 -6.07
CA GLU A 516 9.02 -50.20 -6.65
C GLU A 516 8.63 -51.66 -6.82
N LEU A 517 9.30 -52.32 -7.77
CA LEU A 517 9.13 -53.76 -8.00
C LEU A 517 10.40 -54.58 -7.96
N LEU A 518 10.74 -55.09 -6.78
CA LEU A 518 11.96 -55.86 -6.60
C LEU A 518 11.65 -57.31 -6.16
N HIS A 519 12.02 -58.27 -7.01
CA HIS A 519 11.87 -59.71 -6.76
C HIS A 519 10.46 -60.35 -6.69
N ALA A 520 9.62 -59.93 -5.75
CA ALA A 520 8.29 -60.59 -5.59
C ALA A 520 7.08 -59.65 -5.52
N PRO A 521 6.51 -59.20 -6.68
CA PRO A 521 5.42 -58.23 -6.87
C PRO A 521 4.16 -58.56 -6.08
N ALA A 522 3.91 -59.84 -5.82
CA ALA A 522 2.75 -60.29 -5.03
C ALA A 522 2.75 -59.72 -3.59
N THR A 523 3.87 -59.14 -3.17
CA THR A 523 4.03 -58.52 -1.87
C THR A 523 3.13 -57.30 -1.69
N VAL A 524 2.78 -56.55 -2.74
CA VAL A 524 1.71 -55.54 -2.68
C VAL A 524 0.87 -55.58 -3.95
N CYS A 525 -0.47 -55.65 -3.84
CA CYS A 525 -1.34 -55.77 -5.00
C CYS A 525 -2.71 -55.11 -4.82
N GLY A 526 -3.35 -54.71 -5.91
CA GLY A 526 -4.78 -54.36 -5.95
C GLY A 526 -5.70 -55.54 -5.60
N PRO A 527 -7.04 -55.36 -5.58
CA PRO A 527 -7.99 -56.35 -5.10
C PRO A 527 -8.00 -57.66 -5.89
N LYS A 528 -8.45 -58.72 -5.23
CA LYS A 528 -8.51 -60.09 -5.75
C LYS A 528 -9.95 -60.51 -6.01
N LYS A 529 -10.18 -61.31 -7.06
CA LYS A 529 -11.50 -61.75 -7.48
C LYS A 529 -11.47 -63.18 -7.96
N SER A 530 -12.60 -63.87 -7.91
CA SER A 530 -12.77 -65.24 -8.42
C SER A 530 -11.44 -65.96 -8.71
N ILE B 4 30.35 -10.20 -3.84
CA ILE B 4 30.29 -11.11 -2.70
C ILE B 4 28.90 -11.73 -2.50
N GLU B 5 28.03 -11.76 -3.51
CA GLU B 5 26.65 -12.19 -3.35
C GLU B 5 26.47 -13.60 -2.78
N GLU B 6 27.51 -14.42 -2.79
CA GLU B 6 27.53 -15.69 -2.06
C GLU B 6 27.10 -15.51 -0.59
N GLN B 7 27.52 -14.43 0.06
CA GLN B 7 27.18 -14.11 1.46
C GLN B 7 25.92 -13.27 1.53
N ALA B 8 25.82 -12.21 0.72
CA ALA B 8 24.69 -11.30 0.81
C ALA B 8 23.35 -11.96 0.50
N LYS B 9 23.23 -12.74 -0.58
CA LYS B 9 21.98 -13.41 -0.88
C LYS B 9 21.64 -14.43 0.19
N THR B 10 22.64 -15.11 0.73
CA THR B 10 22.45 -16.00 1.89
C THR B 10 21.91 -15.23 3.08
N PHE B 11 22.46 -14.06 3.39
CA PHE B 11 21.96 -13.21 4.47
C PHE B 11 20.50 -12.83 4.25
N LEU B 12 20.14 -12.37 3.05
CA LEU B 12 18.76 -12.01 2.75
C LEU B 12 17.80 -13.20 2.83
N ASP B 13 18.23 -14.41 2.50
CA ASP B 13 17.41 -15.60 2.72
C ASP B 13 17.18 -15.87 4.21
N PHE B 14 18.19 -15.70 5.05
CA PHE B 14 18.00 -15.72 6.50
C PHE B 14 17.10 -14.58 6.97
N PHE B 15 17.23 -13.39 6.40
CA PHE B 15 16.43 -12.24 6.76
C PHE B 15 14.96 -12.53 6.59
N ASP B 16 14.54 -12.98 5.41
CA ASP B 16 13.14 -13.35 5.18
C ASP B 16 12.67 -14.38 6.19
N SER B 17 13.54 -15.32 6.58
CA SER B 17 13.21 -16.38 7.52
C SER B 17 12.83 -15.88 8.91
N GLN B 18 13.25 -14.67 9.28
CA GLN B 18 12.81 -14.00 10.51
C GLN B 18 11.77 -12.91 10.23
N ALA B 19 12.04 -12.07 9.24
CA ALA B 19 11.29 -10.84 9.00
C ALA B 19 9.84 -11.10 8.65
N GLU B 20 9.59 -12.08 7.79
CA GLU B 20 8.27 -12.46 7.33
C GLU B 20 7.35 -12.82 8.50
N ASP B 21 7.90 -13.23 9.65
CA ASP B 21 7.12 -13.47 10.86
C ASP B 21 7.02 -12.26 11.77
N LEU B 22 8.13 -11.60 12.10
CA LEU B 22 8.12 -10.50 13.06
C LEU B 22 7.28 -9.33 12.57
N PHE B 23 7.38 -9.02 11.28
CA PHE B 23 6.50 -8.03 10.69
C PHE B 23 5.06 -8.45 10.83
N TYR B 24 4.72 -9.72 10.64
CA TYR B 24 3.34 -10.19 10.76
C TYR B 24 2.82 -10.00 12.18
N GLN B 25 3.59 -10.34 13.21
CA GLN B 25 3.16 -10.12 14.59
C GLN B 25 2.92 -8.63 14.86
N SER B 26 3.86 -7.75 14.52
CA SER B 26 3.70 -6.29 14.62
C SER B 26 2.47 -5.80 13.88
N SER B 27 2.32 -6.25 12.65
CA SER B 27 1.25 -5.91 11.76
C SER B 27 -0.10 -6.28 12.33
N LEU B 28 -0.22 -7.49 12.86
CA LEU B 28 -1.48 -7.88 13.45
C LEU B 28 -1.78 -7.09 14.68
N ALA B 29 -0.76 -6.82 15.51
CA ALA B 29 -1.06 -6.06 16.71
C ALA B 29 -1.62 -4.69 16.35
N SER B 30 -1.09 -4.08 15.28
CA SER B 30 -1.58 -2.78 14.84
C SER B 30 -3.04 -2.89 14.40
N TRP B 31 -3.34 -3.95 13.63
CA TRP B 31 -4.71 -4.18 13.20
C TRP B 31 -5.64 -4.30 14.38
N ASN B 32 -5.26 -5.15 15.35
CA ASN B 32 -6.13 -5.41 16.48
C ASN B 32 -6.39 -4.15 17.28
N TYR B 33 -5.37 -3.32 17.43
CA TYR B 33 -5.57 -2.06 18.10
C TYR B 33 -6.60 -1.22 17.41
N ASN B 34 -6.46 -1.08 16.11
CA ASN B 34 -7.39 -0.24 15.43
C ASN B 34 -8.83 -0.78 15.46
N THR B 35 -9.02 -2.11 15.50
CA THR B 35 -10.40 -2.60 15.55
C THR B 35 -10.97 -2.60 16.99
N ASN B 36 -10.10 -2.60 18.02
CA ASN B 36 -10.54 -2.44 19.41
C ASN B 36 -9.55 -1.58 20.18
N ILE B 37 -9.92 -0.34 20.42
CA ILE B 37 -9.01 0.53 21.10
C ILE B 37 -9.17 0.39 22.59
N THR B 38 -8.14 -0.17 23.18
CA THR B 38 -8.04 -0.53 24.57
C THR B 38 -6.58 -0.56 24.96
N GLU B 39 -6.30 -0.38 26.25
CA GLU B 39 -4.95 -0.38 26.76
C GLU B 39 -4.20 -1.67 26.46
N GLU B 40 -4.91 -2.80 26.48
CA GLU B 40 -4.25 -4.07 26.19
C GLU B 40 -3.63 -4.07 24.80
N ASN B 41 -4.38 -3.59 23.82
CA ASN B 41 -3.89 -3.57 22.47
C ASN B 41 -2.83 -2.51 22.29
N VAL B 42 -2.91 -1.42 23.06
CA VAL B 42 -1.88 -0.42 22.92
C VAL B 42 -0.56 -1.00 23.36
N GLN B 43 -0.56 -1.69 24.49
CA GLN B 43 0.69 -2.22 24.94
C GLN B 43 1.20 -3.29 23.99
N ASN B 44 0.29 -4.09 23.43
CA ASN B 44 0.74 -5.14 22.53
C ASN B 44 1.28 -4.61 21.22
N MET B 45 0.68 -3.54 20.67
CA MET B 45 1.24 -3.05 19.42
C MET B 45 2.52 -2.34 19.69
N ASN B 46 2.66 -1.72 20.87
CA ASN B 46 3.89 -1.03 21.11
C ASN B 46 5.01 -2.03 21.33
N ASN B 47 4.70 -3.15 21.99
CA ASN B 47 5.75 -4.12 22.23
C ASN B 47 6.16 -4.79 20.95
N ALA B 48 5.17 -5.17 20.13
CA ALA B 48 5.51 -5.83 18.87
C ALA B 48 6.24 -4.87 17.96
N GLY B 49 5.86 -3.59 18.03
CA GLY B 49 6.47 -2.56 17.23
C GLY B 49 7.94 -2.47 17.55
N ASP B 50 8.27 -2.43 18.86
CA ASP B 50 9.66 -2.35 19.27
C ASP B 50 10.44 -3.58 18.89
N LYS B 51 9.81 -4.77 18.95
CA LYS B 51 10.55 -5.97 18.56
C LYS B 51 10.94 -5.89 17.10
N TRP B 52 9.99 -5.51 16.25
CA TRP B 52 10.23 -5.34 14.83
C TRP B 52 11.30 -4.29 14.57
N SER B 53 11.25 -3.16 15.26
CA SER B 53 12.24 -2.13 15.07
C SER B 53 13.62 -2.61 15.49
N ALA B 54 13.70 -3.29 16.64
CA ALA B 54 14.98 -3.79 17.12
C ALA B 54 15.57 -4.79 16.14
N PHE B 55 14.71 -5.66 15.62
CA PHE B 55 15.11 -6.61 14.61
C PHE B 55 15.66 -5.88 13.38
N LEU B 56 14.95 -4.90 12.84
CA LEU B 56 15.48 -4.09 11.74
C LEU B 56 16.85 -3.48 12.09
N LYS B 57 17.07 -2.97 13.30
CA LYS B 57 18.35 -2.32 13.62
C LYS B 57 19.49 -3.33 13.61
N GLU B 58 19.22 -4.52 14.16
CA GLU B 58 20.24 -5.56 14.19
C GLU B 58 20.56 -6.10 12.80
N GLN B 59 19.47 -6.36 12.10
CA GLN B 59 19.56 -6.87 10.78
C GLN B 59 20.31 -5.83 9.99
N SER B 60 20.05 -4.52 9.99
CA SER B 60 20.65 -3.45 9.22
C SER B 60 22.14 -3.45 9.50
N THR B 61 22.48 -3.59 10.79
CA THR B 61 23.88 -3.62 11.16
C THR B 61 24.59 -4.74 10.39
N LEU B 62 23.97 -5.91 10.32
CA LEU B 62 24.57 -6.99 9.54
C LEU B 62 24.58 -6.68 8.05
N ALA B 63 23.53 -6.06 7.52
CA ALA B 63 23.47 -5.77 6.09
C ALA B 63 24.64 -4.90 5.68
N GLN B 64 25.06 -4.02 6.57
CA GLN B 64 26.14 -3.07 6.33
C GLN B 64 27.51 -3.74 6.17
N MET B 65 27.67 -5.01 6.51
CA MET B 65 28.92 -5.70 6.25
C MET B 65 29.16 -5.88 4.75
N TYR B 66 28.10 -5.90 3.95
CA TYR B 66 28.15 -6.26 2.54
C TYR B 66 28.16 -4.98 1.69
N PRO B 67 29.29 -4.54 1.11
CA PRO B 67 29.34 -3.23 0.47
C PRO B 67 28.52 -3.28 -0.81
N LEU B 68 27.65 -2.30 -1.06
CA LEU B 68 26.86 -2.30 -2.29
C LEU B 68 27.68 -2.33 -3.55
N GLN B 69 28.85 -1.73 -3.51
CA GLN B 69 29.69 -1.69 -4.70
C GLN B 69 30.22 -3.05 -5.09
N GLU B 70 30.20 -4.07 -4.22
CA GLU B 70 30.62 -5.42 -4.60
C GLU B 70 29.51 -6.14 -5.39
N ILE B 71 28.26 -5.75 -5.16
CA ILE B 71 27.06 -6.40 -5.67
C ILE B 71 26.79 -6.02 -7.13
N GLN B 72 26.79 -7.01 -8.01
CA GLN B 72 26.41 -6.87 -9.42
C GLN B 72 24.92 -7.13 -9.63
N ASN B 73 24.33 -8.07 -8.88
CA ASN B 73 22.94 -8.45 -9.00
C ASN B 73 22.03 -7.31 -8.51
N LEU B 74 21.27 -6.59 -9.37
CA LEU B 74 20.46 -5.51 -8.85
C LEU B 74 19.45 -5.92 -7.78
N THR B 75 18.80 -7.06 -7.92
CA THR B 75 17.79 -7.41 -6.93
C THR B 75 18.41 -7.42 -5.52
N VAL B 76 19.57 -8.03 -5.35
CA VAL B 76 20.30 -8.06 -4.07
C VAL B 76 20.71 -6.65 -3.70
N LYS B 77 21.21 -5.85 -4.65
CA LYS B 77 21.62 -4.51 -4.31
C LYS B 77 20.47 -3.69 -3.77
N LEU B 78 19.29 -3.79 -4.38
CA LEU B 78 18.15 -3.02 -3.92
C LEU B 78 17.70 -3.43 -2.55
N GLN B 79 17.68 -4.74 -2.29
CA GLN B 79 17.31 -5.25 -0.98
C GLN B 79 18.30 -4.79 0.06
N LEU B 80 19.60 -4.85 -0.22
CA LEU B 80 20.58 -4.33 0.71
C LEU B 80 20.38 -2.83 0.91
N GLN B 81 20.11 -2.05 -0.13
CA GLN B 81 19.94 -0.62 0.06
C GLN B 81 18.77 -0.36 1.00
N ALA B 82 17.71 -1.14 0.87
CA ALA B 82 16.56 -0.97 1.74
C ALA B 82 16.86 -1.28 3.21
N LEU B 83 17.55 -2.31 3.62
CA LEU B 83 17.69 -2.38 5.07
C LEU B 83 19.05 -1.78 5.50
N GLN B 84 20.09 -1.51 4.65
CA GLN B 84 21.29 -0.85 5.12
C GLN B 84 21.09 0.60 5.51
N GLN B 85 19.89 1.12 5.31
CA GLN B 85 19.68 2.52 5.63
C GLN B 85 19.94 2.76 7.09
N ASN B 86 20.64 3.83 7.36
CA ASN B 86 20.98 4.22 8.71
C ASN B 86 19.82 4.96 9.36
N GLY B 87 19.51 6.17 8.94
CA GLY B 87 18.33 6.81 9.49
C GLY B 87 18.43 7.01 10.99
N SER B 88 17.50 6.40 11.71
CA SER B 88 17.49 6.53 13.15
C SER B 88 18.77 5.97 13.70
N SER B 89 19.22 6.51 14.81
CA SER B 89 20.44 6.10 15.51
C SER B 89 21.75 6.47 14.80
N VAL B 90 21.70 7.32 13.77
CA VAL B 90 22.96 7.84 13.24
C VAL B 90 23.48 8.91 14.19
N LEU B 91 22.57 9.46 14.97
CA LEU B 91 22.85 10.49 15.94
C LEU B 91 22.98 9.85 17.30
N SER B 92 23.62 10.55 18.21
CA SER B 92 23.80 10.13 19.58
C SER B 92 22.45 9.95 20.26
N GLU B 93 22.44 9.15 21.32
CA GLU B 93 21.21 8.84 22.05
C GLU B 93 20.49 10.06 22.61
N ASP B 94 21.20 11.10 23.02
CA ASP B 94 20.53 12.25 23.58
C ASP B 94 19.83 13.02 22.48
N LYS B 95 20.51 13.13 21.34
CA LYS B 95 19.98 13.81 20.18
C LYS B 95 18.76 13.06 19.65
N SER B 96 18.84 11.73 19.68
CA SER B 96 17.77 10.88 19.21
C SER B 96 16.54 11.03 20.11
N LYS B 97 16.77 10.97 21.43
CA LYS B 97 15.68 11.13 22.37
C LYS B 97 15.09 12.52 22.29
N ARG B 98 15.92 13.53 22.07
CA ARG B 98 15.43 14.89 21.99
C ARG B 98 14.56 15.05 20.76
N LEU B 99 14.97 14.48 19.63
CA LEU B 99 14.15 14.60 18.45
C LEU B 99 12.85 13.86 18.62
N ASN B 100 12.88 12.68 19.25
CA ASN B 100 11.65 11.93 19.44
C ASN B 100 10.71 12.70 20.34
N THR B 101 11.27 13.39 21.34
CA THR B 101 10.51 14.20 22.27
C THR B 101 9.82 15.33 21.53
N ILE B 102 10.56 15.99 20.65
CA ILE B 102 10.03 17.09 19.85
C ILE B 102 8.94 16.64 18.93
N LEU B 103 9.15 15.54 18.24
CA LEU B 103 8.15 15.07 17.30
C LEU B 103 6.88 14.66 18.03
N ASN B 104 7.01 14.03 19.20
CA ASN B 104 5.81 13.64 19.91
C ASN B 104 5.10 14.88 20.42
N THR B 105 5.90 15.90 20.78
CA THR B 105 5.34 17.16 21.26
C THR B 105 4.57 17.84 20.13
N MET B 106 5.16 17.87 18.92
CA MET B 106 4.48 18.51 17.79
C MET B 106 3.16 17.85 17.49
N SER B 107 3.18 16.52 17.50
CA SER B 107 1.98 15.77 17.19
C SER B 107 0.91 16.09 18.22
N THR B 108 1.33 16.13 19.50
CA THR B 108 0.43 16.42 20.60
C THR B 108 -0.15 17.82 20.51
N ILE B 109 0.67 18.82 20.20
CA ILE B 109 0.12 20.18 20.14
C ILE B 109 -0.94 20.26 19.06
N TYR B 110 -0.69 19.64 17.90
CA TYR B 110 -1.67 19.62 16.84
C TYR B 110 -2.93 18.90 17.32
N SER B 111 -2.81 17.66 17.79
CA SER B 111 -4.01 16.84 18.06
C SER B 111 -4.82 17.23 19.28
N THR B 112 -4.21 17.94 20.23
CA THR B 112 -4.90 18.40 21.43
C THR B 112 -5.07 19.90 21.38
N GLY B 113 -4.80 20.56 20.26
CA GLY B 113 -4.75 22.03 20.15
C GLY B 113 -6.09 22.75 20.26
N LYS B 114 -6.85 22.58 21.35
CA LYS B 114 -8.20 23.09 21.56
C LYS B 114 -8.20 24.62 21.60
N VAL B 115 -8.86 25.27 20.65
CA VAL B 115 -8.84 26.73 20.51
C VAL B 115 -10.19 27.31 20.90
N CYS B 116 -10.18 28.36 21.70
CA CYS B 116 -11.38 29.01 22.21
C CYS B 116 -11.71 30.34 21.57
N ASN B 117 -13.01 30.67 21.62
CA ASN B 117 -13.52 31.96 21.23
C ASN B 117 -13.60 32.78 22.51
N PRO B 118 -12.79 33.82 22.73
CA PRO B 118 -12.78 34.61 23.95
C PRO B 118 -14.15 35.21 24.28
N ASP B 119 -15.00 35.36 23.26
CA ASP B 119 -16.32 35.95 23.48
C ASP B 119 -17.41 34.90 23.65
N ASN B 120 -17.03 33.62 23.61
CA ASN B 120 -18.03 32.56 23.68
C ASN B 120 -17.33 31.20 23.97
N PRO B 121 -17.02 30.87 25.25
CA PRO B 121 -16.26 29.70 25.71
C PRO B 121 -16.82 28.36 25.25
N GLN B 122 -18.10 28.30 24.91
CA GLN B 122 -18.68 27.05 24.46
C GLN B 122 -18.12 26.61 23.10
N GLU B 123 -17.48 27.53 22.38
CA GLU B 123 -16.86 27.29 21.07
C GLU B 123 -15.44 26.68 21.19
N CYS B 124 -14.95 26.31 22.39
CA CYS B 124 -13.62 25.72 22.46
C CYS B 124 -13.60 24.37 21.76
N LEU B 125 -12.84 24.20 20.68
CA LEU B 125 -12.71 22.89 20.03
C LEU B 125 -11.35 22.62 19.39
N LEU B 126 -11.08 21.33 19.19
CA LEU B 126 -10.04 20.81 18.30
C LEU B 126 -10.43 21.07 16.84
N LEU B 127 -9.50 20.97 15.88
CA LEU B 127 -9.82 21.22 14.48
C LEU B 127 -10.78 20.19 13.89
N GLU B 128 -10.40 18.91 13.94
CA GLU B 128 -11.00 17.86 13.11
C GLU B 128 -12.43 17.44 13.46
N PRO B 129 -12.91 17.58 14.71
CA PRO B 129 -14.33 17.61 15.03
C PRO B 129 -14.82 19.05 15.16
N GLY B 130 -15.84 19.43 14.40
CA GLY B 130 -16.61 20.66 14.63
C GLY B 130 -15.94 21.99 14.21
N LEU B 131 -14.68 22.31 14.54
CA LEU B 131 -14.09 23.59 14.12
C LEU B 131 -13.87 23.65 12.61
N ASN B 132 -13.55 22.52 11.98
CA ASN B 132 -13.56 22.39 10.53
C ASN B 132 -14.95 22.64 9.90
N GLU B 133 -16.06 22.45 10.61
CA GLU B 133 -17.39 22.75 10.06
C GLU B 133 -17.54 24.25 9.77
N ILE B 134 -17.00 25.11 10.64
CA ILE B 134 -17.02 26.56 10.45
C ILE B 134 -16.24 26.93 9.20
N MET B 135 -15.03 26.39 9.06
CA MET B 135 -14.18 26.62 7.90
C MET B 135 -14.75 25.99 6.63
N ALA B 136 -15.48 24.88 6.71
CA ALA B 136 -16.15 24.27 5.59
C ALA B 136 -17.37 25.08 5.14
N ASN B 137 -18.32 25.35 6.03
CA ASN B 137 -19.69 25.65 5.62
C ASN B 137 -20.22 27.02 6.06
N SER B 138 -19.61 27.72 7.03
CA SER B 138 -20.09 29.06 7.36
C SER B 138 -19.78 30.05 6.23
N LEU B 139 -20.69 30.98 5.98
CA LEU B 139 -20.47 32.10 5.06
C LEU B 139 -20.29 33.41 5.80
N ASP B 140 -20.05 33.32 7.10
CA ASP B 140 -19.84 34.51 7.91
C ASP B 140 -18.36 34.87 7.92
N TYR B 141 -18.01 35.93 7.19
CA TYR B 141 -16.63 36.35 7.00
C TYR B 141 -15.85 36.44 8.33
N ASN B 142 -16.45 37.08 9.33
CA ASN B 142 -15.78 37.26 10.60
C ASN B 142 -15.76 36.00 11.43
N GLU B 143 -16.81 35.17 11.34
CA GLU B 143 -16.80 33.90 12.10
C GLU B 143 -15.69 33.02 11.59
N ARG B 144 -15.54 33.00 10.26
CA ARG B 144 -14.54 32.19 9.62
C ARG B 144 -13.17 32.68 10.00
N LEU B 145 -13.02 34.00 10.07
CA LEU B 145 -11.74 34.56 10.45
C LEU B 145 -11.40 34.20 11.87
N TRP B 146 -12.33 34.35 12.80
CA TRP B 146 -12.06 33.98 14.17
C TRP B 146 -11.51 32.54 14.24
N ALA B 147 -12.18 31.58 13.59
CA ALA B 147 -11.71 30.20 13.57
C ALA B 147 -10.28 30.07 13.00
N TRP B 148 -10.03 30.68 11.85
CA TRP B 148 -8.76 30.66 11.14
C TRP B 148 -7.64 31.26 11.96
N GLU B 149 -7.82 32.49 12.45
CA GLU B 149 -6.82 33.20 13.22
C GLU B 149 -6.53 32.51 14.53
N SER B 150 -7.59 31.99 15.16
CA SER B 150 -7.50 31.30 16.43
C SER B 150 -6.63 30.05 16.31
N TRP B 151 -6.80 29.21 15.28
CA TRP B 151 -5.86 28.12 15.02
C TRP B 151 -4.43 28.59 14.81
N ARG B 152 -4.19 29.70 14.09
CA ARG B 152 -2.82 30.14 13.93
C ARG B 152 -2.16 30.65 15.23
N SER B 153 -2.93 31.37 16.05
CA SER B 153 -2.40 31.92 17.30
C SER B 153 -2.33 30.92 18.45
N GLU B 154 -3.20 29.92 18.43
CA GLU B 154 -3.29 28.92 19.49
C GLU B 154 -2.54 27.61 19.21
N VAL B 155 -2.34 27.26 17.94
CA VAL B 155 -1.63 26.04 17.59
C VAL B 155 -0.32 26.35 16.82
N GLY B 156 -0.43 27.20 15.79
CA GLY B 156 0.72 27.50 14.90
C GLY B 156 1.94 28.07 15.65
N LYS B 157 1.72 29.12 16.45
CA LYS B 157 2.80 29.77 17.23
C LYS B 157 3.50 28.83 18.21
N GLN B 158 2.74 27.88 18.75
CA GLN B 158 3.21 26.93 19.75
C GLN B 158 4.07 25.87 19.13
N LEU B 159 3.76 25.53 17.89
CA LEU B 159 4.56 24.55 17.17
C LEU B 159 5.83 25.19 16.62
N ARG B 160 5.76 26.47 16.22
CA ARG B 160 6.93 27.12 15.62
C ARG B 160 8.30 26.83 16.28
N PRO B 161 8.53 26.98 17.61
CA PRO B 161 9.82 26.73 18.25
C PRO B 161 10.28 25.29 18.13
N LEU B 162 9.35 24.38 17.86
CA LEU B 162 9.71 23.00 17.74
C LEU B 162 10.33 22.85 16.37
N TYR B 163 9.86 23.66 15.41
CA TYR B 163 10.40 23.66 14.06
C TYR B 163 11.76 24.32 14.02
N GLU B 164 11.94 25.32 14.87
CA GLU B 164 13.21 26.01 14.88
C GLU B 164 14.31 25.03 15.29
N GLU B 165 14.04 24.15 16.26
CA GLU B 165 15.03 23.13 16.67
C GLU B 165 15.03 21.90 15.74
N TYR B 166 13.84 21.44 15.36
CA TYR B 166 13.62 20.28 14.50
C TYR B 166 14.38 20.32 13.23
N VAL B 167 14.37 21.44 12.52
CA VAL B 167 15.07 21.44 11.24
C VAL B 167 16.58 21.24 11.43
N VAL B 168 17.10 21.50 12.62
CA VAL B 168 18.51 21.29 12.85
C VAL B 168 18.73 19.82 13.08
N LEU B 169 17.91 19.23 13.93
CA LEU B 169 18.05 17.82 14.25
C LEU B 169 17.81 16.94 13.03
N LYS B 170 16.85 17.30 12.21
CA LYS B 170 16.60 16.53 11.01
C LYS B 170 17.70 16.73 10.01
N ASN B 171 18.23 17.94 9.87
CA ASN B 171 19.30 18.08 8.93
C ASN B 171 20.54 17.36 9.41
N GLU B 172 20.80 17.34 10.73
CA GLU B 172 22.00 16.66 11.18
C GLU B 172 21.88 15.18 10.87
N MET B 173 20.69 14.61 11.08
CA MET B 173 20.44 13.23 10.76
C MET B 173 20.68 13.01 9.27
N ALA B 174 20.11 13.86 8.44
CA ALA B 174 20.26 13.71 7.03
C ALA B 174 21.72 13.77 6.61
N ARG B 175 22.50 14.66 7.22
CA ARG B 175 23.92 14.77 6.88
C ARG B 175 24.67 13.52 7.33
N ALA B 176 24.30 12.97 8.49
CA ALA B 176 24.91 11.75 9.01
C ALA B 176 24.66 10.58 8.04
N ASN B 177 23.55 10.66 7.29
CA ASN B 177 23.15 9.70 6.27
C ASN B 177 23.63 10.08 4.87
N HIS B 178 24.50 11.07 4.79
CA HIS B 178 25.09 11.62 3.58
C HIS B 178 24.16 12.33 2.60
N TYR B 179 23.18 13.05 3.12
CA TYR B 179 22.29 13.89 2.31
C TYR B 179 22.64 15.31 2.64
N GLU B 180 22.39 16.24 1.73
CA GLU B 180 22.74 17.62 2.06
C GLU B 180 21.90 18.19 3.19
N ASP B 181 20.64 17.83 3.23
CA ASP B 181 19.68 18.29 4.22
C ASP B 181 18.51 17.30 4.27
N TYR B 182 17.54 17.54 5.14
CA TYR B 182 16.40 16.65 5.22
C TYR B 182 15.48 16.69 4.01
N GLY B 183 15.42 17.81 3.27
CA GLY B 183 14.57 17.87 2.10
C GLY B 183 15.15 16.89 1.08
N ASP B 184 16.48 16.89 1.01
CA ASP B 184 17.26 16.05 0.12
C ASP B 184 17.08 14.59 0.52
N TYR B 185 16.99 14.35 1.82
CA TYR B 185 16.76 13.01 2.34
C TYR B 185 15.43 12.50 1.79
N TRP B 186 14.36 13.31 1.92
CA TRP B 186 13.05 12.90 1.42
C TRP B 186 12.99 12.67 -0.08
N ARG B 187 13.68 13.51 -0.84
CA ARG B 187 13.68 13.43 -2.29
C ARG B 187 14.35 12.17 -2.81
N GLY B 188 15.04 11.43 -1.93
CA GLY B 188 15.72 10.21 -2.31
C GLY B 188 14.72 9.16 -2.71
N ASP B 189 13.45 9.34 -2.35
CA ASP B 189 12.43 8.36 -2.71
C ASP B 189 12.29 8.23 -4.22
N TYR B 190 12.58 9.30 -4.97
CA TYR B 190 12.40 9.23 -6.41
C TYR B 190 13.69 8.94 -7.13
N GLU B 191 14.78 8.78 -6.39
CA GLU B 191 16.05 8.60 -7.04
C GLU B 191 16.20 7.25 -7.68
N VAL B 192 16.75 7.27 -8.88
CA VAL B 192 17.13 6.08 -9.61
C VAL B 192 18.58 6.26 -9.90
N ASN B 193 19.41 5.32 -9.50
CA ASN B 193 20.81 5.55 -9.71
C ASN B 193 21.58 4.26 -9.99
N GLY B 194 21.98 4.07 -11.25
CA GLY B 194 22.71 2.88 -11.63
C GLY B 194 21.99 2.01 -12.65
N VAL B 195 20.93 2.52 -13.25
CA VAL B 195 20.25 1.75 -14.26
C VAL B 195 20.27 2.53 -15.55
N ASP B 196 21.00 2.03 -16.53
CA ASP B 196 21.17 2.82 -17.74
C ASP B 196 19.86 3.15 -18.40
N GLY B 197 19.67 4.43 -18.68
CA GLY B 197 18.49 4.92 -19.36
C GLY B 197 17.33 5.27 -18.43
N TYR B 198 17.44 4.91 -17.15
CA TYR B 198 16.35 5.15 -16.22
C TYR B 198 16.68 6.02 -15.01
N ASP B 199 17.93 6.50 -14.97
CA ASP B 199 18.46 7.28 -13.87
C ASP B 199 17.70 8.58 -13.67
N TYR B 200 17.62 8.99 -12.41
CA TYR B 200 16.92 10.18 -12.01
C TYR B 200 17.58 10.74 -10.75
N SER B 201 18.24 11.89 -10.84
CA SER B 201 18.92 12.40 -9.66
C SER B 201 17.90 13.02 -8.73
N ARG B 202 18.24 13.21 -7.47
CA ARG B 202 17.28 13.79 -6.54
C ARG B 202 16.83 15.19 -6.92
N GLY B 203 17.74 15.99 -7.44
CA GLY B 203 17.46 17.39 -7.79
C GLY B 203 16.59 17.49 -9.03
N GLN B 204 16.42 16.37 -9.72
CA GLN B 204 15.64 16.30 -10.92
C GLN B 204 14.19 16.50 -10.53
N LEU B 205 13.81 16.06 -9.32
CA LEU B 205 12.43 16.20 -8.95
C LEU B 205 12.06 17.64 -8.89
N ILE B 206 12.98 18.48 -8.43
CA ILE B 206 12.66 19.87 -8.32
C ILE B 206 12.45 20.44 -9.69
N GLU B 207 13.35 20.13 -10.62
CA GLU B 207 13.18 20.68 -11.95
C GLU B 207 11.90 20.19 -12.60
N ASP B 208 11.55 18.92 -12.40
CA ASP B 208 10.36 18.39 -13.04
C ASP B 208 9.11 18.98 -12.44
N VAL B 209 9.11 19.18 -11.13
CA VAL B 209 7.98 19.76 -10.44
C VAL B 209 7.80 21.21 -10.85
N GLU B 210 8.87 21.99 -10.88
CA GLU B 210 8.74 23.39 -11.27
C GLU B 210 8.37 23.56 -12.72
N HIS B 211 8.94 22.74 -13.60
CA HIS B 211 8.64 22.83 -15.00
C HIS B 211 7.19 22.50 -15.22
N THR B 212 6.75 21.39 -14.63
CA THR B 212 5.41 20.94 -14.80
C THR B 212 4.45 21.96 -14.23
N PHE B 213 4.76 22.52 -13.08
CA PHE B 213 3.86 23.46 -12.48
C PHE B 213 3.62 24.63 -13.41
N GLU B 214 4.67 25.16 -14.03
CA GLU B 214 4.49 26.28 -14.94
C GLU B 214 3.47 25.93 -16.03
N GLU B 215 3.50 24.68 -16.50
CA GLU B 215 2.55 24.23 -17.52
C GLU B 215 1.11 24.10 -16.97
N ILE B 216 0.97 23.79 -15.68
CA ILE B 216 -0.33 23.67 -15.00
C ILE B 216 -0.99 25.04 -14.83
N LYS B 217 -0.19 26.03 -14.43
CA LYS B 217 -0.69 27.36 -14.12
C LYS B 217 -1.85 27.90 -14.96
N PRO B 218 -1.86 27.93 -16.30
CA PRO B 218 -2.96 28.50 -17.06
C PRO B 218 -4.34 27.92 -16.67
N LEU B 219 -4.38 26.62 -16.31
CA LEU B 219 -5.63 25.98 -15.94
C LEU B 219 -6.05 26.51 -14.60
N TYR B 220 -5.07 26.64 -13.74
CA TYR B 220 -5.29 27.16 -12.41
C TYR B 220 -5.73 28.62 -12.44
N GLU B 221 -5.09 29.44 -13.25
CA GLU B 221 -5.41 30.86 -13.30
C GLU B 221 -6.83 31.09 -13.76
N HIS B 222 -7.31 30.28 -14.70
CA HIS B 222 -8.69 30.45 -15.14
C HIS B 222 -9.65 29.92 -14.07
N LEU B 223 -9.29 28.83 -13.39
CA LEU B 223 -10.16 28.33 -12.34
C LEU B 223 -10.21 29.35 -11.23
N HIS B 224 -9.07 29.92 -10.90
CA HIS B 224 -8.93 30.90 -9.85
C HIS B 224 -9.80 32.09 -10.16
N ALA B 225 -9.74 32.60 -11.40
CA ALA B 225 -10.54 33.75 -11.75
C ALA B 225 -12.03 33.47 -11.64
N TYR B 226 -12.45 32.27 -12.04
CA TYR B 226 -13.85 31.89 -11.96
C TYR B 226 -14.31 31.86 -10.52
N VAL B 227 -13.52 31.22 -9.69
CA VAL B 227 -13.86 31.11 -8.30
C VAL B 227 -13.91 32.50 -7.69
N ARG B 228 -12.95 33.36 -8.00
CA ARG B 228 -12.96 34.71 -7.47
C ARG B 228 -14.21 35.45 -7.88
N ALA B 229 -14.64 35.30 -9.13
CA ALA B 229 -15.83 35.99 -9.59
C ALA B 229 -17.05 35.59 -8.77
N LYS B 230 -17.14 34.32 -8.40
CA LYS B 230 -18.25 33.84 -7.60
C LYS B 230 -18.12 34.21 -6.12
N LEU B 231 -16.91 34.16 -5.59
CA LEU B 231 -16.75 34.45 -4.18
C LEU B 231 -17.01 35.91 -3.92
N MET B 232 -16.79 36.77 -4.91
CA MET B 232 -17.08 38.20 -4.74
C MET B 232 -18.56 38.45 -4.54
N ASN B 233 -19.43 37.54 -4.93
CA ASN B 233 -20.81 37.81 -4.70
C ASN B 233 -21.11 37.42 -3.25
N ALA B 234 -20.46 36.32 -2.82
CA ALA B 234 -20.61 35.85 -1.44
C ALA B 234 -19.99 36.82 -0.42
N TYR B 235 -18.88 37.44 -0.80
CA TYR B 235 -18.14 38.34 0.07
C TYR B 235 -17.87 39.68 -0.63
N PRO B 236 -18.91 40.48 -0.88
CA PRO B 236 -18.90 41.69 -1.71
C PRO B 236 -18.07 42.85 -1.21
N SER B 237 -17.77 42.88 0.07
CA SER B 237 -16.98 43.97 0.61
C SER B 237 -15.60 43.49 1.00
N TYR B 238 -15.28 42.25 0.69
CA TYR B 238 -14.01 41.71 1.14
C TYR B 238 -13.03 41.29 0.05
N ILE B 239 -13.52 40.90 -1.12
CA ILE B 239 -12.62 40.37 -2.16
C ILE B 239 -12.40 41.30 -3.36
N SER B 240 -11.13 41.57 -3.67
CA SER B 240 -10.75 42.39 -4.81
C SER B 240 -10.79 41.60 -6.12
N PRO B 241 -11.40 42.13 -7.19
CA PRO B 241 -11.50 41.52 -8.50
C PRO B 241 -10.19 41.17 -9.16
N ILE B 242 -9.08 41.79 -8.75
CA ILE B 242 -7.81 41.49 -9.38
C ILE B 242 -6.77 41.00 -8.40
N GLY B 243 -7.18 40.64 -7.20
CA GLY B 243 -6.19 40.24 -6.20
C GLY B 243 -6.27 38.78 -5.81
N CYS B 244 -5.53 38.47 -4.77
CA CYS B 244 -5.45 37.14 -4.19
C CYS B 244 -6.71 36.91 -3.38
N LEU B 245 -7.12 35.66 -3.24
CA LEU B 245 -8.28 35.40 -2.43
C LEU B 245 -7.85 35.35 -0.97
N PRO B 246 -8.63 35.84 0.00
CA PRO B 246 -8.35 35.68 1.41
C PRO B 246 -8.31 34.20 1.77
N ALA B 247 -7.30 33.82 2.53
CA ALA B 247 -7.11 32.43 2.92
C ALA B 247 -8.25 31.81 3.70
N HIS B 248 -8.88 32.60 4.56
CA HIS B 248 -9.89 32.04 5.42
C HIS B 248 -11.20 31.81 4.72
N LEU B 249 -11.31 32.26 3.48
CA LEU B 249 -12.53 32.10 2.72
C LEU B 249 -12.43 30.95 1.73
N LEU B 250 -11.35 30.15 1.77
CA LEU B 250 -11.20 29.09 0.78
C LEU B 250 -11.81 27.72 1.11
N GLY B 251 -12.52 27.61 2.23
CA GLY B 251 -13.19 26.36 2.58
C GLY B 251 -12.48 25.40 3.52
N ASP B 252 -11.32 25.73 4.05
CA ASP B 252 -10.60 24.84 4.98
C ASP B 252 -9.57 25.63 5.79
N MET B 253 -9.04 25.04 6.85
CA MET B 253 -8.17 25.74 7.80
C MET B 253 -6.89 26.29 7.15
N TRP B 254 -6.42 25.70 6.05
CA TRP B 254 -5.23 26.15 5.29
C TRP B 254 -5.50 26.46 3.82
N GLY B 255 -6.71 26.18 3.34
CA GLY B 255 -7.09 26.42 1.94
C GLY B 255 -6.54 25.35 1.00
N ARG B 256 -6.37 24.13 1.50
CA ARG B 256 -5.80 23.05 0.70
C ARG B 256 -6.62 22.60 -0.48
N PHE B 257 -7.93 22.57 -0.34
CA PHE B 257 -8.83 22.10 -1.39
C PHE B 257 -9.88 23.16 -1.59
N TRP B 258 -10.44 23.28 -2.80
CA TRP B 258 -11.53 24.25 -3.00
C TRP B 258 -12.88 23.57 -3.13
N THR B 259 -12.98 22.36 -2.62
CA THR B 259 -14.20 21.59 -2.75
C THR B 259 -15.37 22.16 -1.99
N ASN B 260 -15.10 22.90 -0.92
CA ASN B 260 -16.20 23.44 -0.14
C ASN B 260 -16.68 24.75 -0.72
N LEU B 261 -16.08 25.17 -1.83
CA LEU B 261 -16.55 26.39 -2.46
C LEU B 261 -17.55 26.01 -3.52
N TYR B 262 -17.70 24.70 -3.77
CA TYR B 262 -18.57 24.24 -4.84
C TYR B 262 -19.95 24.82 -4.75
N SER B 263 -20.52 24.90 -3.56
CA SER B 263 -21.86 25.40 -3.38
C SER B 263 -22.03 26.87 -3.77
N LEU B 264 -20.92 27.60 -3.89
CA LEU B 264 -20.96 28.99 -4.30
C LEU B 264 -20.66 29.11 -5.78
N THR B 265 -19.90 28.16 -6.31
CA THR B 265 -19.43 28.23 -7.68
C THR B 265 -20.15 27.34 -8.70
N VAL B 266 -21.10 26.49 -8.28
CA VAL B 266 -21.76 25.54 -9.20
C VAL B 266 -22.19 26.27 -10.48
N PRO B 267 -21.60 25.95 -11.66
CA PRO B 267 -21.88 26.53 -12.96
C PRO B 267 -23.35 26.57 -13.31
N PHE B 268 -24.02 25.42 -13.19
CA PHE B 268 -25.42 25.33 -13.53
C PHE B 268 -26.20 24.77 -12.36
N GLY B 269 -26.56 25.66 -11.43
CA GLY B 269 -27.20 25.29 -10.15
C GLY B 269 -28.60 24.71 -10.31
N GLN B 270 -29.18 24.89 -11.48
CA GLN B 270 -30.50 24.36 -11.79
C GLN B 270 -30.44 22.86 -12.09
N LYS B 271 -29.24 22.31 -12.27
CA LYS B 271 -29.08 20.89 -12.59
C LYS B 271 -28.77 20.04 -11.36
N PRO B 272 -29.27 18.80 -11.32
CA PRO B 272 -29.03 17.81 -10.29
C PRO B 272 -27.64 17.23 -10.42
N ASN B 273 -27.17 16.63 -9.35
CA ASN B 273 -25.90 15.92 -9.38
C ASN B 273 -26.15 14.49 -9.86
N ILE B 274 -25.07 13.73 -9.95
CA ILE B 274 -25.09 12.32 -10.33
C ILE B 274 -24.82 11.49 -9.08
N ASP B 275 -25.29 12.03 -7.97
CA ASP B 275 -25.24 11.46 -6.65
C ASP B 275 -26.30 10.40 -6.57
N VAL B 276 -25.86 9.18 -6.39
CA VAL B 276 -26.70 8.02 -6.41
C VAL B 276 -26.84 7.36 -5.07
N THR B 277 -26.66 8.14 -4.01
CA THR B 277 -26.89 7.63 -2.66
C THR B 277 -28.30 7.10 -2.57
N ASP B 278 -29.27 7.82 -3.14
CA ASP B 278 -30.65 7.37 -3.07
C ASP B 278 -30.82 6.06 -3.81
N ALA B 279 -30.09 5.84 -4.91
CA ALA B 279 -30.31 4.60 -5.61
C ALA B 279 -29.88 3.44 -4.74
N MET B 280 -28.76 3.61 -4.07
CA MET B 280 -28.25 2.55 -3.22
C MET B 280 -29.20 2.27 -2.07
N VAL B 281 -29.76 3.33 -1.51
CA VAL B 281 -30.66 3.15 -0.39
C VAL B 281 -31.98 2.52 -0.83
N ASP B 282 -32.56 3.01 -1.92
CA ASP B 282 -33.85 2.53 -2.40
C ASP B 282 -33.76 1.11 -2.93
N GLN B 283 -32.60 0.72 -3.41
CA GLN B 283 -32.36 -0.61 -3.92
C GLN B 283 -31.90 -1.58 -2.84
N ALA B 284 -31.92 -1.14 -1.58
CA ALA B 284 -31.52 -1.94 -0.45
C ALA B 284 -30.09 -2.45 -0.48
N TRP B 285 -29.16 -1.58 -0.82
CA TRP B 285 -27.75 -1.93 -0.78
C TRP B 285 -27.32 -1.84 0.67
N ASP B 286 -26.27 -2.56 1.00
CA ASP B 286 -25.61 -2.53 2.28
C ASP B 286 -24.10 -2.47 2.04
N ALA B 287 -23.30 -2.51 3.10
CA ALA B 287 -21.86 -2.44 2.87
C ALA B 287 -21.36 -3.62 2.07
N GLN B 288 -21.93 -4.80 2.29
CA GLN B 288 -21.44 -5.98 1.61
C GLN B 288 -21.64 -5.84 0.11
N ARG B 289 -22.78 -5.27 -0.29
CA ARG B 289 -23.07 -5.06 -1.70
C ARG B 289 -22.09 -4.10 -2.31
N ILE B 290 -21.73 -3.05 -1.57
CA ILE B 290 -20.78 -2.09 -2.08
C ILE B 290 -19.43 -2.71 -2.34
N PHE B 291 -18.94 -3.52 -1.41
CA PHE B 291 -17.65 -4.13 -1.65
C PHE B 291 -17.73 -5.17 -2.74
N LYS B 292 -18.85 -5.90 -2.84
CA LYS B 292 -18.95 -6.87 -3.92
C LYS B 292 -18.99 -6.18 -5.27
N GLU B 293 -19.63 -5.00 -5.37
CA GLU B 293 -19.62 -4.32 -6.66
C GLU B 293 -18.21 -3.89 -7.00
N ALA B 294 -17.47 -3.44 -5.98
CA ALA B 294 -16.10 -3.07 -6.22
C ALA B 294 -15.30 -4.29 -6.64
N GLU B 295 -15.55 -5.46 -6.04
CA GLU B 295 -14.81 -6.65 -6.44
C GLU B 295 -15.07 -6.96 -7.91
N LYS B 296 -16.35 -6.86 -8.33
CA LYS B 296 -16.71 -7.15 -9.72
C LYS B 296 -15.98 -6.23 -10.66
N PHE B 297 -15.85 -4.96 -10.28
CA PHE B 297 -15.14 -4.00 -11.09
C PHE B 297 -13.73 -4.48 -11.39
N PHE B 298 -13.01 -4.91 -10.36
CA PHE B 298 -11.64 -5.32 -10.60
C PHE B 298 -11.52 -6.64 -11.35
N VAL B 299 -12.37 -7.61 -11.03
CA VAL B 299 -12.21 -8.88 -11.71
C VAL B 299 -12.59 -8.78 -13.18
N SER B 300 -13.47 -7.83 -13.50
CA SER B 300 -13.92 -7.65 -14.86
C SER B 300 -12.82 -7.20 -15.80
N VAL B 301 -11.69 -6.73 -15.25
CA VAL B 301 -10.63 -6.28 -16.13
C VAL B 301 -9.44 -7.23 -16.05
N GLY B 302 -9.60 -8.39 -15.42
CA GLY B 302 -8.49 -9.34 -15.34
C GLY B 302 -7.72 -9.35 -14.01
N LEU B 303 -8.20 -8.67 -12.99
CA LEU B 303 -7.51 -8.70 -11.71
C LEU B 303 -8.11 -9.84 -10.90
N PRO B 304 -7.39 -10.38 -9.92
CA PRO B 304 -7.86 -11.43 -9.03
C PRO B 304 -8.94 -10.95 -8.12
N ASN B 305 -9.71 -11.88 -7.60
CA ASN B 305 -10.77 -11.56 -6.67
C ASN B 305 -10.19 -11.37 -5.29
N MET B 306 -11.01 -11.05 -4.32
CA MET B 306 -10.44 -10.83 -3.00
C MET B 306 -10.27 -12.17 -2.37
N THR B 307 -9.38 -12.25 -1.41
CA THR B 307 -9.11 -13.52 -0.78
C THR B 307 -10.18 -13.90 0.20
N GLN B 308 -10.16 -15.16 0.62
CA GLN B 308 -11.14 -15.62 1.57
C GLN B 308 -10.94 -14.92 2.89
N GLY B 309 -9.68 -14.66 3.24
CA GLY B 309 -9.37 -13.99 4.49
C GLY B 309 -10.01 -12.62 4.48
N PHE B 310 -9.84 -11.89 3.38
CA PHE B 310 -10.41 -10.56 3.26
C PHE B 310 -11.89 -10.58 3.56
N TRP B 311 -12.61 -11.49 2.91
CA TRP B 311 -14.03 -11.48 3.16
C TRP B 311 -14.42 -11.93 4.58
N GLU B 312 -13.61 -12.77 5.22
CA GLU B 312 -13.93 -13.23 6.57
C GLU B 312 -13.50 -12.32 7.72
N ASN B 313 -12.36 -11.62 7.57
CA ASN B 313 -11.88 -10.82 8.69
C ASN B 313 -11.68 -9.32 8.46
N SER B 314 -12.07 -8.79 7.30
CA SER B 314 -12.03 -7.35 7.09
C SER B 314 -13.12 -6.65 7.88
N MET B 315 -12.92 -5.37 8.13
CA MET B 315 -13.94 -4.58 8.80
C MET B 315 -14.58 -3.71 7.75
N LEU B 316 -15.81 -4.04 7.39
CA LEU B 316 -16.45 -3.30 6.33
C LEU B 316 -17.33 -2.19 6.88
N THR B 317 -17.82 -2.39 8.12
CA THR B 317 -18.75 -1.46 8.75
C THR B 317 -18.28 -1.13 10.14
N ASP B 318 -18.94 -0.16 10.73
CA ASP B 318 -18.73 0.19 12.10
C ASP B 318 -19.23 -0.94 13.00
N PRO B 319 -18.75 -1.03 14.26
CA PRO B 319 -19.21 -1.96 15.26
C PRO B 319 -20.68 -1.72 15.53
N GLY B 320 -21.40 -2.75 15.92
CA GLY B 320 -22.84 -2.62 16.19
C GLY B 320 -23.17 -2.22 17.64
N ASN B 321 -22.15 -1.91 18.42
CA ASN B 321 -22.31 -1.55 19.82
C ASN B 321 -21.44 -0.35 20.16
N VAL B 322 -21.39 0.01 21.44
CA VAL B 322 -20.59 1.17 21.78
C VAL B 322 -19.15 0.74 21.95
N GLN B 323 -18.51 0.65 20.82
CA GLN B 323 -17.16 0.18 20.70
C GLN B 323 -16.21 1.21 20.15
N LYS B 324 -15.15 1.47 20.90
CA LYS B 324 -14.19 2.45 20.43
C LYS B 324 -13.27 1.75 19.45
N ALA B 325 -13.22 2.28 18.25
CA ALA B 325 -12.42 1.71 17.18
C ALA B 325 -12.11 2.84 16.23
N VAL B 326 -11.06 2.68 15.44
CA VAL B 326 -10.79 3.70 14.45
C VAL B 326 -10.92 3.07 13.11
N CYS B 327 -11.63 3.72 12.23
CA CYS B 327 -11.82 3.14 10.91
C CYS B 327 -11.66 4.16 9.80
N HIS B 328 -10.72 5.09 9.94
CA HIS B 328 -10.51 5.98 8.82
C HIS B 328 -10.22 5.01 7.73
N PRO B 329 -10.83 5.09 6.55
CA PRO B 329 -10.61 4.12 5.52
C PRO B 329 -9.15 3.94 5.21
N THR B 330 -8.75 2.68 5.13
CA THR B 330 -7.40 2.29 4.77
C THR B 330 -7.28 0.83 4.33
N ALA B 331 -6.35 0.58 3.44
CA ALA B 331 -6.05 -0.77 2.98
C ALA B 331 -4.89 -1.37 3.75
N TRP B 332 -5.00 -2.66 4.07
CA TRP B 332 -3.91 -3.30 4.77
C TRP B 332 -3.31 -4.49 4.05
N ASP B 333 -2.00 -4.59 4.17
CA ASP B 333 -1.23 -5.75 3.78
C ASP B 333 -0.55 -6.14 5.04
N LEU B 334 -1.06 -7.17 5.68
CA LEU B 334 -0.59 -7.50 6.98
C LEU B 334 0.59 -8.42 6.99
N GLY B 335 1.04 -8.90 5.82
CA GLY B 335 2.09 -9.91 5.64
C GLY B 335 1.51 -11.30 5.36
N LYS B 336 2.34 -12.25 4.92
CA LYS B 336 1.95 -13.66 4.68
C LYS B 336 0.66 -13.83 3.86
N GLY B 337 0.43 -12.96 2.89
CA GLY B 337 -0.77 -12.98 2.05
C GLY B 337 -2.06 -12.61 2.76
N ASP B 338 -2.01 -12.03 3.96
CA ASP B 338 -3.18 -11.57 4.68
C ASP B 338 -3.58 -10.13 4.29
N PHE B 339 -4.61 -10.01 3.48
CA PHE B 339 -5.03 -8.71 2.98
C PHE B 339 -6.36 -8.36 3.60
N ARG B 340 -6.49 -7.12 4.08
CA ARG B 340 -7.75 -6.70 4.69
C ARG B 340 -8.08 -5.26 4.37
N ILE B 341 -9.35 -4.92 4.52
CA ILE B 341 -9.74 -3.52 4.40
C ILE B 341 -10.33 -3.09 5.72
N LEU B 342 -10.01 -1.87 6.13
CA LEU B 342 -10.58 -1.30 7.32
C LEU B 342 -11.33 -0.01 7.01
N MET B 343 -12.63 0.00 7.28
CA MET B 343 -13.44 1.20 7.08
C MET B 343 -14.82 1.01 7.70
N CYS B 344 -15.54 2.10 7.82
CA CYS B 344 -16.91 2.03 8.28
C CYS B 344 -17.85 2.48 7.18
N THR B 345 -18.28 1.54 6.36
CA THR B 345 -19.03 1.85 5.16
C THR B 345 -20.48 2.18 5.42
N LYS B 346 -20.92 3.29 4.87
CA LYS B 346 -22.31 3.69 4.94
C LYS B 346 -22.86 3.56 3.54
N VAL B 347 -24.16 3.42 3.40
CA VAL B 347 -24.63 3.29 2.04
C VAL B 347 -24.83 4.65 1.42
N THR B 348 -23.79 5.05 0.72
CA THR B 348 -23.67 6.34 0.05
C THR B 348 -22.62 6.34 -1.03
N MET B 349 -22.74 7.27 -1.95
CA MET B 349 -21.80 7.34 -3.06
C MET B 349 -20.36 7.64 -2.64
N ASP B 350 -20.14 8.34 -1.55
CA ASP B 350 -18.77 8.63 -1.17
C ASP B 350 -18.04 7.38 -0.72
N ASP B 351 -18.76 6.48 -0.04
CA ASP B 351 -18.14 5.27 0.46
C ASP B 351 -18.01 4.28 -0.66
N PHE B 352 -18.91 4.35 -1.63
CA PHE B 352 -18.83 3.50 -2.81
C PHE B 352 -17.50 3.75 -3.50
N LEU B 353 -17.21 5.02 -3.73
CA LEU B 353 -15.97 5.36 -4.37
C LEU B 353 -14.78 5.08 -3.48
N THR B 354 -14.93 5.24 -2.18
CA THR B 354 -13.85 4.94 -1.26
C THR B 354 -13.53 3.46 -1.35
N ALA B 355 -14.54 2.60 -1.39
CA ALA B 355 -14.30 1.17 -1.48
C ALA B 355 -13.48 0.84 -2.72
N HIS B 356 -13.73 1.52 -3.84
CA HIS B 356 -12.96 1.26 -5.04
C HIS B 356 -11.54 1.75 -4.87
N HIS B 357 -11.37 2.89 -4.21
CA HIS B 357 -10.05 3.43 -3.96
C HIS B 357 -9.22 2.45 -3.13
N GLU B 358 -9.79 2.00 -2.02
CA GLU B 358 -9.09 1.14 -1.08
C GLU B 358 -8.84 -0.24 -1.65
N MET B 359 -9.79 -0.78 -2.41
CA MET B 359 -9.55 -2.06 -2.99
C MET B 359 -8.51 -1.95 -4.09
N GLY B 360 -8.39 -0.77 -4.72
CA GLY B 360 -7.36 -0.54 -5.72
C GLY B 360 -6.00 -0.67 -5.06
N HIS B 361 -5.88 -0.17 -3.82
CA HIS B 361 -4.64 -0.28 -3.07
C HIS B 361 -4.37 -1.75 -2.75
N ILE B 362 -5.43 -2.48 -2.41
CA ILE B 362 -5.23 -3.88 -2.09
C ILE B 362 -4.79 -4.63 -3.33
N GLN B 363 -5.40 -4.37 -4.49
CA GLN B 363 -4.99 -5.07 -5.70
C GLN B 363 -3.53 -4.83 -6.02
N TYR B 364 -3.05 -3.61 -5.75
CA TYR B 364 -1.65 -3.31 -5.99
C TYR B 364 -0.81 -4.16 -5.02
N ASP B 365 -1.23 -4.21 -3.76
CA ASP B 365 -0.51 -4.99 -2.75
C ASP B 365 -0.51 -6.47 -3.06
N MET B 366 -1.62 -6.98 -3.60
CA MET B 366 -1.63 -8.39 -3.93
C MET B 366 -0.67 -8.64 -5.09
N ALA B 367 -0.67 -7.73 -6.08
CA ALA B 367 0.15 -7.95 -7.26
C ALA B 367 1.64 -8.07 -6.97
N TYR B 368 2.15 -7.29 -6.01
CA TYR B 368 3.60 -7.39 -5.76
C TYR B 368 3.91 -8.30 -4.59
N ALA B 369 2.93 -9.09 -4.17
CA ALA B 369 3.14 -9.98 -3.02
C ALA B 369 4.26 -10.99 -3.27
N ALA B 370 4.56 -11.27 -4.54
CA ALA B 370 5.58 -12.22 -4.93
C ALA B 370 7.01 -11.67 -4.88
N GLN B 371 7.15 -10.38 -4.59
CA GLN B 371 8.47 -9.77 -4.53
C GLN B 371 9.19 -10.17 -3.23
N PRO B 372 10.52 -10.14 -3.19
CA PRO B 372 11.28 -10.36 -1.97
C PRO B 372 10.83 -9.37 -0.91
N PHE B 373 10.81 -9.74 0.37
CA PHE B 373 10.11 -8.98 1.41
C PHE B 373 10.41 -7.47 1.39
N LEU B 374 11.68 -7.10 1.25
CA LEU B 374 12.11 -5.70 1.27
C LEU B 374 11.71 -4.90 0.03
N LEU B 375 11.24 -5.54 -1.05
CA LEU B 375 10.81 -4.87 -2.26
C LEU B 375 9.28 -4.84 -2.35
N ARG B 376 8.55 -5.33 -1.34
CA ARG B 376 7.08 -5.35 -1.32
C ARG B 376 6.51 -3.97 -0.97
N ASN B 377 6.60 -3.04 -1.90
CA ASN B 377 6.07 -1.69 -1.76
C ASN B 377 5.70 -1.16 -3.14
N GLY B 378 5.20 0.06 -3.22
CA GLY B 378 4.83 0.61 -4.52
C GLY B 378 6.07 1.15 -5.19
N ALA B 379 5.97 1.55 -6.47
CA ALA B 379 7.19 2.01 -7.15
C ALA B 379 7.82 3.24 -6.46
N ASN B 380 6.99 4.14 -5.95
CA ASN B 380 7.47 5.29 -5.19
C ASN B 380 6.30 5.70 -4.31
N GLU B 381 6.49 6.70 -3.48
CA GLU B 381 5.45 7.13 -2.55
C GLU B 381 4.14 7.60 -3.17
N GLY B 382 4.15 8.07 -4.44
CA GLY B 382 2.92 8.57 -5.04
C GLY B 382 2.14 7.54 -5.86
N PHE B 383 2.68 6.34 -5.99
CA PHE B 383 2.01 5.36 -6.83
C PHE B 383 0.90 4.59 -6.19
N HIS B 384 0.88 4.47 -4.87
CA HIS B 384 -0.19 3.68 -4.31
C HIS B 384 -1.49 4.39 -4.53
N GLU B 385 -1.45 5.69 -4.34
CA GLU B 385 -2.65 6.46 -4.51
C GLU B 385 -2.91 6.71 -5.97
N ALA B 386 -1.89 6.82 -6.82
CA ALA B 386 -2.23 7.03 -8.23
C ALA B 386 -3.09 5.88 -8.71
N VAL B 387 -2.77 4.67 -8.24
CA VAL B 387 -3.55 3.50 -8.61
C VAL B 387 -4.93 3.54 -7.96
N GLY B 388 -5.01 3.83 -6.66
CA GLY B 388 -6.32 3.87 -6.02
C GLY B 388 -7.25 4.93 -6.66
N GLU B 389 -6.67 6.06 -7.05
CA GLU B 389 -7.46 7.15 -7.62
C GLU B 389 -7.99 6.84 -8.99
N ILE B 390 -7.24 6.15 -9.86
CA ILE B 390 -7.80 5.84 -11.17
C ILE B 390 -8.93 4.82 -11.06
N MET B 391 -8.88 3.93 -10.07
CA MET B 391 -9.96 2.96 -9.94
C MET B 391 -11.25 3.70 -9.57
N SER B 392 -11.13 4.68 -8.67
CA SER B 392 -12.28 5.48 -8.25
C SER B 392 -12.77 6.38 -9.37
N LEU B 393 -11.83 7.03 -10.06
CA LEU B 393 -12.17 7.96 -11.12
C LEU B 393 -13.00 7.29 -12.19
N SER B 394 -12.64 6.06 -12.58
CA SER B 394 -13.40 5.36 -13.58
C SER B 394 -14.76 4.90 -13.03
N ALA B 395 -14.79 4.41 -11.79
CA ALA B 395 -16.04 3.92 -11.21
C ALA B 395 -17.10 5.01 -11.12
N ALA B 396 -16.66 6.25 -10.93
CA ALA B 396 -17.54 7.40 -10.79
C ALA B 396 -18.18 7.92 -12.07
N THR B 397 -17.70 7.56 -13.26
CA THR B 397 -18.27 8.20 -14.45
C THR B 397 -19.72 7.73 -14.68
N PRO B 398 -20.66 8.61 -15.10
CA PRO B 398 -22.05 8.28 -15.38
C PRO B 398 -22.23 7.07 -16.26
N LYS B 399 -21.37 6.84 -17.22
CA LYS B 399 -21.54 5.66 -18.05
C LYS B 399 -21.56 4.40 -17.20
N HIS B 400 -20.68 4.36 -16.21
CA HIS B 400 -20.52 3.22 -15.34
C HIS B 400 -21.72 3.12 -14.46
N LEU B 401 -22.10 4.25 -13.89
CA LEU B 401 -23.15 4.29 -12.90
C LEU B 401 -24.47 3.89 -13.53
N LYS B 402 -24.67 4.28 -14.77
CA LYS B 402 -25.91 3.92 -15.41
C LYS B 402 -25.88 2.43 -15.70
N SER B 403 -24.74 1.93 -16.18
CA SER B 403 -24.60 0.54 -16.55
C SER B 403 -24.77 -0.43 -15.38
N ILE B 404 -24.40 -0.02 -14.18
CA ILE B 404 -24.52 -0.93 -13.04
C ILE B 404 -25.79 -0.68 -12.22
N GLY B 405 -26.70 0.16 -12.71
CA GLY B 405 -27.95 0.39 -12.01
C GLY B 405 -28.03 1.54 -11.02
N LEU B 406 -27.02 2.41 -10.94
CA LEU B 406 -27.13 3.51 -9.99
C LEU B 406 -27.86 4.71 -10.60
N LEU B 407 -27.67 4.94 -11.89
CA LEU B 407 -28.40 6.01 -12.55
C LEU B 407 -29.57 5.40 -13.28
N SER B 408 -30.67 6.13 -13.32
CA SER B 408 -31.86 5.66 -14.02
C SER B 408 -31.58 5.34 -15.48
N PRO B 409 -32.20 4.30 -16.07
CA PRO B 409 -32.12 3.94 -17.48
C PRO B 409 -32.52 5.11 -18.39
N ASP B 410 -33.30 6.05 -17.83
CA ASP B 410 -33.78 7.21 -18.56
C ASP B 410 -32.88 8.41 -18.35
N PHE B 411 -31.77 8.20 -17.64
CA PHE B 411 -30.82 9.28 -17.40
C PHE B 411 -30.17 9.75 -18.67
N GLN B 412 -30.17 11.05 -18.82
CA GLN B 412 -29.56 11.69 -19.96
C GLN B 412 -28.51 12.64 -19.47
N GLU B 413 -27.29 12.44 -19.92
CA GLU B 413 -26.20 13.33 -19.57
C GLU B 413 -26.24 14.47 -20.57
N ASP B 414 -25.96 15.69 -20.12
CA ASP B 414 -25.99 16.82 -21.03
C ASP B 414 -24.82 17.81 -20.84
N ASN B 415 -24.92 18.93 -21.55
CA ASN B 415 -23.90 19.96 -21.66
C ASN B 415 -23.55 20.60 -20.31
N GLU B 416 -24.58 20.89 -19.55
CA GLU B 416 -24.46 21.55 -18.26
C GLU B 416 -24.02 20.59 -17.18
N THR B 417 -24.47 19.33 -17.26
CA THR B 417 -24.07 18.33 -16.28
C THR B 417 -22.57 18.14 -16.35
N GLU B 418 -22.03 18.03 -17.58
CA GLU B 418 -20.60 17.84 -17.75
C GLU B 418 -19.79 18.94 -17.12
N ILE B 419 -20.21 20.17 -17.31
CA ILE B 419 -19.47 21.26 -16.74
C ILE B 419 -19.53 21.21 -15.23
N ASN B 420 -20.69 20.95 -14.64
CA ASN B 420 -20.73 20.89 -13.18
C ASN B 420 -19.81 19.80 -12.64
N PHE B 421 -19.79 18.65 -13.33
CA PHE B 421 -18.96 17.54 -12.93
C PHE B 421 -17.49 17.90 -12.96
N LEU B 422 -17.04 18.47 -14.07
CA LEU B 422 -15.65 18.80 -14.19
C LEU B 422 -15.27 19.88 -13.23
N LEU B 423 -16.14 20.86 -12.97
CA LEU B 423 -15.70 21.87 -12.03
C LEU B 423 -15.50 21.27 -10.67
N LYS B 424 -16.42 20.42 -10.21
CA LYS B 424 -16.22 19.93 -8.87
C LYS B 424 -14.88 19.21 -8.78
N GLN B 425 -14.53 18.43 -9.81
CA GLN B 425 -13.25 17.76 -9.76
C GLN B 425 -12.09 18.73 -9.85
N ALA B 426 -12.21 19.79 -10.66
CA ALA B 426 -11.13 20.76 -10.77
C ALA B 426 -10.87 21.43 -9.44
N LEU B 427 -11.92 21.72 -8.68
CA LEU B 427 -11.76 22.36 -7.38
C LEU B 427 -11.00 21.44 -6.44
N THR B 428 -11.29 20.14 -6.54
CA THR B 428 -10.62 19.09 -5.77
C THR B 428 -9.16 18.91 -6.19
N ILE B 429 -8.89 18.92 -7.49
CA ILE B 429 -7.56 18.66 -7.99
C ILE B 429 -6.74 19.87 -8.39
N VAL B 430 -7.26 20.68 -9.29
CA VAL B 430 -6.50 21.78 -9.84
C VAL B 430 -6.25 22.77 -8.75
N GLY B 431 -7.26 22.97 -7.93
CA GLY B 431 -7.21 23.89 -6.81
C GLY B 431 -6.24 23.46 -5.71
N THR B 432 -5.76 22.22 -5.73
CA THR B 432 -4.84 21.73 -4.71
C THR B 432 -3.42 21.60 -5.23
N LEU B 433 -3.23 21.44 -6.53
CA LEU B 433 -1.89 21.29 -7.05
C LEU B 433 -0.92 22.40 -6.60
N PRO B 434 -1.27 23.72 -6.67
CA PRO B 434 -0.46 24.83 -6.20
C PRO B 434 -0.20 24.83 -4.70
N PHE B 435 -1.05 24.15 -3.92
CA PHE B 435 -0.87 24.10 -2.49
C PHE B 435 0.27 23.17 -2.21
N THR B 436 0.21 22.01 -2.85
CA THR B 436 1.23 21.00 -2.63
C THR B 436 2.54 21.50 -3.14
N TYR B 437 2.50 22.06 -4.34
CA TYR B 437 3.67 22.61 -4.95
C TYR B 437 4.33 23.66 -4.08
N MET B 438 3.55 24.63 -3.61
CA MET B 438 4.10 25.71 -2.81
C MET B 438 4.64 25.24 -1.48
N LEU B 439 3.91 24.35 -0.81
CA LEU B 439 4.34 23.92 0.51
C LEU B 439 5.66 23.21 0.44
N GLU B 440 5.81 22.29 -0.51
CA GLU B 440 7.05 21.56 -0.58
C GLU B 440 8.16 22.45 -1.02
N LYS B 441 7.92 23.35 -1.96
CA LYS B 441 8.99 24.22 -2.36
C LYS B 441 9.50 24.97 -1.14
N TRP B 442 8.58 25.49 -0.32
CA TRP B 442 9.01 26.19 0.88
C TRP B 442 9.75 25.29 1.84
N ARG B 443 9.24 24.08 2.13
CA ARG B 443 9.95 23.26 3.10
C ARG B 443 11.32 22.89 2.59
N TRP B 444 11.46 22.63 1.30
CA TRP B 444 12.76 22.28 0.77
C TRP B 444 13.72 23.45 0.97
N MET B 445 13.25 24.67 0.71
CA MET B 445 14.06 25.87 0.89
C MET B 445 14.43 26.07 2.35
N VAL B 446 13.52 25.70 3.26
CA VAL B 446 13.83 25.79 4.67
C VAL B 446 14.89 24.79 5.09
N PHE B 447 14.75 23.54 4.68
CA PHE B 447 15.73 22.55 5.11
C PHE B 447 17.08 22.85 4.54
N LYS B 448 17.10 23.33 3.31
CA LYS B 448 18.27 23.69 2.54
C LYS B 448 19.02 24.88 3.14
N GLY B 449 18.34 25.65 3.99
CA GLY B 449 18.94 26.85 4.52
C GLY B 449 18.79 28.07 3.61
N GLU B 450 17.86 28.04 2.64
CA GLU B 450 17.69 29.19 1.76
C GLU B 450 16.85 30.25 2.43
N ILE B 451 15.93 29.81 3.31
CA ILE B 451 15.10 30.77 3.99
C ILE B 451 15.50 30.84 5.48
N PRO B 452 16.04 31.96 5.96
CA PRO B 452 16.46 32.19 7.33
C PRO B 452 15.29 32.00 8.27
N LYS B 453 15.55 31.55 9.50
CA LYS B 453 14.46 31.32 10.44
C LYS B 453 13.70 32.58 10.81
N ASP B 454 14.28 33.75 10.60
CA ASP B 454 13.61 35.01 10.88
C ASP B 454 12.80 35.49 9.68
N GLN B 455 12.83 34.73 8.59
CA GLN B 455 12.13 35.06 7.37
C GLN B 455 11.20 33.94 6.92
N TRP B 456 10.91 33.00 7.81
CA TRP B 456 10.09 31.87 7.43
C TRP B 456 8.70 32.25 7.02
N MET B 457 8.04 33.11 7.80
CA MET B 457 6.69 33.50 7.43
C MET B 457 6.69 34.56 6.38
N LYS B 458 7.72 35.39 6.38
CA LYS B 458 7.79 36.39 5.35
C LYS B 458 7.75 35.71 3.99
N LYS B 459 8.55 34.64 3.82
CA LYS B 459 8.54 33.93 2.55
C LYS B 459 7.34 33.04 2.41
N TRP B 460 6.84 32.46 3.50
CA TRP B 460 5.68 31.60 3.37
C TRP B 460 4.54 32.36 2.75
N TRP B 461 4.26 33.54 3.27
CA TRP B 461 3.15 34.30 2.72
C TRP B 461 3.48 34.96 1.39
N GLU B 462 4.73 35.35 1.16
CA GLU B 462 5.03 35.93 -0.13
C GLU B 462 4.79 34.88 -1.18
N MET B 463 5.29 33.67 -0.94
CA MET B 463 5.14 32.56 -1.86
C MET B 463 3.69 32.17 -2.03
N LYS B 464 2.90 32.11 -0.95
CA LYS B 464 1.50 31.78 -1.20
C LYS B 464 0.84 32.81 -2.12
N ARG B 465 1.14 34.10 -1.95
CA ARG B 465 0.53 35.08 -2.84
C ARG B 465 1.05 34.96 -4.28
N GLU B 466 2.35 34.72 -4.46
CA GLU B 466 2.92 34.62 -5.81
C GLU B 466 2.58 33.32 -6.56
N ILE B 467 2.48 32.22 -5.84
CA ILE B 467 2.25 30.91 -6.44
C ILE B 467 0.79 30.49 -6.47
N VAL B 468 0.10 30.63 -5.35
CA VAL B 468 -1.25 30.15 -5.21
C VAL B 468 -2.23 31.27 -5.49
N GLY B 469 -1.93 32.46 -5.01
CA GLY B 469 -2.86 33.56 -5.21
C GLY B 469 -3.80 33.68 -4.06
N VAL B 470 -3.27 33.33 -2.89
CA VAL B 470 -4.02 33.41 -1.65
C VAL B 470 -3.29 34.34 -0.68
N VAL B 471 -4.05 35.20 -0.02
CA VAL B 471 -3.51 36.19 0.91
C VAL B 471 -4.06 36.06 2.32
N GLU B 472 -3.19 36.27 3.29
CA GLU B 472 -3.60 36.16 4.66
C GLU B 472 -4.55 37.29 5.02
N PRO B 473 -5.55 37.09 5.89
CA PRO B 473 -6.41 38.12 6.44
C PRO B 473 -5.75 38.97 7.50
N VAL B 474 -4.67 38.45 8.06
CA VAL B 474 -3.95 39.05 9.14
C VAL B 474 -2.48 39.03 8.82
N PRO B 475 -1.77 40.16 8.87
CA PRO B 475 -0.36 40.26 8.56
C PRO B 475 0.49 39.68 9.68
N HIS B 476 0.44 38.36 9.81
CA HIS B 476 1.13 37.68 10.88
C HIS B 476 2.64 37.82 10.76
N ASP B 477 3.26 37.95 11.92
CA ASP B 477 4.70 38.06 12.08
C ASP B 477 5.37 36.70 12.25
N GLU B 478 6.64 36.74 12.60
CA GLU B 478 7.44 35.55 12.71
C GLU B 478 7.24 34.80 14.01
N THR B 479 6.24 35.15 14.80
CA THR B 479 6.05 34.33 15.97
C THR B 479 5.18 33.14 15.58
N TYR B 480 4.62 33.20 14.37
CA TYR B 480 3.71 32.21 13.80
C TYR B 480 4.38 31.21 12.89
N CYS B 481 3.74 30.06 12.70
CA CYS B 481 4.23 29.13 11.72
C CYS B 481 3.08 28.41 11.05
N ASP B 482 2.48 29.09 10.07
CA ASP B 482 1.33 28.58 9.34
C ASP B 482 1.46 27.10 8.95
N PRO B 483 2.50 26.62 8.23
CA PRO B 483 2.57 25.25 7.82
C PRO B 483 2.66 24.29 9.00
N ALA B 484 3.16 24.73 10.15
CA ALA B 484 3.26 23.83 11.28
C ALA B 484 1.90 23.39 11.70
N SER B 485 0.92 24.28 11.56
CA SER B 485 -0.45 24.03 11.94
C SER B 485 -1.15 22.99 11.08
N LEU B 486 -0.52 22.49 10.01
CA LEU B 486 -1.05 21.45 9.12
C LEU B 486 -0.57 20.06 9.58
N PHE B 487 -1.46 19.06 9.57
CA PHE B 487 -1.15 17.69 10.02
C PHE B 487 0.15 17.12 9.45
N HIS B 488 0.39 17.22 8.13
CA HIS B 488 1.56 16.59 7.55
C HIS B 488 2.85 17.22 8.01
N VAL B 489 2.79 18.47 8.43
CA VAL B 489 4.01 19.11 8.85
C VAL B 489 4.24 18.77 10.32
N SER B 490 3.19 18.86 11.15
CA SER B 490 3.32 18.56 12.58
C SER B 490 3.65 17.10 12.85
N ASN B 491 3.26 16.22 11.93
CA ASN B 491 3.52 14.80 12.09
C ASN B 491 4.62 14.22 11.20
N ASP B 492 5.51 15.08 10.67
CA ASP B 492 6.67 14.62 9.87
C ASP B 492 6.41 13.78 8.61
N TYR B 493 5.56 14.26 7.72
CA TYR B 493 5.32 13.56 6.47
C TYR B 493 5.85 14.33 5.26
N SER B 494 6.25 13.61 4.21
CA SER B 494 6.61 14.27 2.96
C SER B 494 5.27 14.73 2.40
N PHE B 495 5.25 15.74 1.53
CA PHE B 495 3.96 16.19 1.02
C PHE B 495 3.89 16.09 -0.51
N ILE B 496 5.03 16.17 -1.19
CA ILE B 496 5.10 16.24 -2.66
C ILE B 496 4.46 15.06 -3.31
N ARG B 497 4.29 13.99 -2.56
CA ARG B 497 3.68 12.79 -3.03
C ARG B 497 2.31 13.05 -3.61
N TYR B 498 1.63 14.10 -3.17
CA TYR B 498 0.31 14.38 -3.69
C TYR B 498 0.38 15.02 -5.07
N TYR B 499 1.46 15.74 -5.34
CA TYR B 499 1.64 16.43 -6.59
C TYR B 499 1.96 15.39 -7.65
N THR B 500 2.92 14.53 -7.29
CA THR B 500 3.38 13.53 -8.21
C THR B 500 2.29 12.51 -8.43
N ARG B 501 1.53 12.19 -7.40
CA ARG B 501 0.43 11.27 -7.54
C ARG B 501 -0.61 11.78 -8.49
N THR B 502 -0.96 13.06 -8.39
CA THR B 502 -1.97 13.59 -9.28
C THR B 502 -1.54 13.47 -10.71
N LEU B 503 -0.31 13.81 -11.00
CA LEU B 503 0.14 13.73 -12.36
C LEU B 503 0.17 12.28 -12.87
N TYR B 504 0.58 11.34 -12.00
CA TYR B 504 0.63 9.95 -12.39
C TYR B 504 -0.79 9.47 -12.66
N GLN B 505 -1.75 9.90 -11.83
CA GLN B 505 -3.14 9.50 -11.96
C GLN B 505 -3.67 9.77 -13.33
N PHE B 506 -3.42 10.95 -13.86
CA PHE B 506 -3.95 11.24 -15.17
C PHE B 506 -3.17 10.54 -16.26
N GLN B 507 -1.86 10.36 -16.09
CA GLN B 507 -1.11 9.63 -17.11
C GLN B 507 -1.64 8.21 -17.21
N PHE B 508 -1.96 7.60 -16.07
CA PHE B 508 -2.49 6.27 -16.09
C PHE B 508 -3.86 6.23 -16.68
N GLN B 509 -4.72 7.19 -16.33
CA GLN B 509 -6.07 7.09 -16.83
C GLN B 509 -6.08 7.21 -18.33
N GLU B 510 -5.24 8.06 -18.90
CA GLU B 510 -5.25 8.21 -20.33
C GLU B 510 -4.70 6.98 -21.01
N ALA B 511 -3.60 6.43 -20.51
CA ALA B 511 -3.02 5.27 -21.15
C ALA B 511 -3.95 4.07 -21.11
N LEU B 512 -4.67 3.92 -20.01
CA LEU B 512 -5.54 2.79 -19.86
C LEU B 512 -6.83 3.00 -20.63
N CYS B 513 -7.27 4.24 -20.72
CA CYS B 513 -8.47 4.53 -21.47
C CYS B 513 -8.25 4.20 -22.95
N GLN B 514 -7.06 4.55 -23.45
CA GLN B 514 -6.71 4.24 -24.81
C GLN B 514 -6.59 2.72 -25.00
N ALA B 515 -6.03 2.02 -24.02
CA ALA B 515 -5.89 0.56 -24.08
C ALA B 515 -7.24 -0.11 -24.21
N ALA B 516 -8.23 0.50 -23.58
CA ALA B 516 -9.61 0.04 -23.58
C ALA B 516 -10.35 0.43 -24.86
N LYS B 517 -9.68 1.14 -25.75
CA LYS B 517 -10.20 1.61 -27.03
C LYS B 517 -11.41 2.50 -26.90
N HIS B 518 -11.39 3.41 -25.94
CA HIS B 518 -12.47 4.35 -25.75
C HIS B 518 -12.51 5.32 -26.91
N GLU B 519 -13.71 5.67 -27.37
CA GLU B 519 -13.89 6.58 -28.50
C GLU B 519 -14.29 8.02 -28.17
N GLY B 520 -14.36 8.39 -26.91
CA GLY B 520 -14.82 9.72 -26.53
C GLY B 520 -13.78 10.52 -25.72
N PRO B 521 -14.22 11.59 -25.04
CA PRO B 521 -13.47 12.49 -24.17
C PRO B 521 -12.86 11.74 -23.01
N LEU B 522 -11.70 12.20 -22.54
CA LEU B 522 -11.00 11.54 -21.45
C LEU B 522 -11.81 11.46 -20.16
N HIS B 523 -12.62 12.46 -19.88
CA HIS B 523 -13.36 12.43 -18.64
C HIS B 523 -14.53 11.45 -18.66
N LYS B 524 -14.79 10.84 -19.81
CA LYS B 524 -15.86 9.89 -19.93
C LYS B 524 -15.33 8.46 -19.92
N CYS B 525 -14.03 8.29 -19.65
CA CYS B 525 -13.42 6.98 -19.65
C CYS B 525 -13.89 6.04 -18.56
N ASP B 526 -14.15 4.82 -18.97
CA ASP B 526 -14.56 3.72 -18.12
C ASP B 526 -13.87 2.49 -18.67
N ILE B 527 -12.93 1.95 -17.92
CA ILE B 527 -12.17 0.81 -18.41
C ILE B 527 -12.66 -0.47 -17.77
N SER B 528 -13.86 -0.42 -17.20
CA SER B 528 -14.49 -1.59 -16.63
C SER B 528 -14.79 -2.56 -17.74
N ASN B 529 -14.77 -3.84 -17.44
CA ASN B 529 -15.09 -4.88 -18.39
C ASN B 529 -14.27 -4.74 -19.68
N SER B 530 -12.98 -4.42 -19.50
CA SER B 530 -11.98 -4.26 -20.54
C SER B 530 -10.65 -4.78 -20.03
N THR B 531 -10.23 -5.92 -20.56
CA THR B 531 -9.05 -6.59 -20.06
C THR B 531 -7.73 -6.11 -20.62
N GLU B 532 -7.73 -5.39 -21.72
CA GLU B 532 -6.43 -4.92 -22.20
C GLU B 532 -5.90 -3.91 -21.22
N ALA B 533 -6.75 -3.01 -20.76
CA ALA B 533 -6.34 -2.00 -19.82
C ALA B 533 -5.98 -2.62 -18.48
N GLY B 534 -6.75 -3.62 -18.05
CA GLY B 534 -6.44 -4.23 -16.77
C GLY B 534 -5.08 -4.92 -16.77
N GLN B 535 -4.79 -5.68 -17.84
CA GLN B 535 -3.52 -6.38 -17.87
C GLN B 535 -2.38 -5.39 -17.97
N LYS B 536 -2.58 -4.32 -18.73
CA LYS B 536 -1.56 -3.33 -18.92
C LYS B 536 -1.14 -2.74 -17.59
N LEU B 537 -2.11 -2.42 -16.74
CA LEU B 537 -1.77 -1.89 -15.43
C LEU B 537 -1.15 -2.96 -14.54
N PHE B 538 -1.72 -4.17 -14.57
CA PHE B 538 -1.26 -5.27 -13.72
C PHE B 538 0.21 -5.52 -13.88
N ASN B 539 0.66 -5.49 -15.12
CA ASN B 539 2.03 -5.78 -15.44
C ASN B 539 3.01 -4.84 -14.73
N MET B 540 2.53 -3.67 -14.30
CA MET B 540 3.32 -2.71 -13.54
C MET B 540 3.13 -2.94 -12.05
N LEU B 541 1.90 -3.24 -11.66
CA LEU B 541 1.60 -3.35 -10.24
C LEU B 541 2.43 -4.44 -9.60
N ARG B 542 2.63 -5.51 -10.36
CA ARG B 542 3.36 -6.68 -9.91
C ARG B 542 4.84 -6.48 -9.66
N LEU B 543 5.39 -5.35 -10.12
CA LEU B 543 6.81 -5.10 -10.00
C LEU B 543 7.26 -4.65 -8.63
N GLY B 544 6.38 -4.02 -7.86
CA GLY B 544 6.78 -3.51 -6.56
C GLY B 544 7.95 -2.54 -6.71
N LYS B 545 9.01 -2.74 -5.89
CA LYS B 545 10.20 -1.90 -5.94
C LYS B 545 11.31 -2.52 -6.76
N SER B 546 11.04 -3.61 -7.47
CA SER B 546 12.09 -4.30 -8.20
C SER B 546 12.63 -3.54 -9.40
N GLU B 547 11.89 -2.54 -9.88
CA GLU B 547 12.31 -1.76 -11.03
C GLU B 547 12.30 -0.28 -10.68
N PRO B 548 13.12 0.56 -11.33
CA PRO B 548 13.10 1.98 -11.17
C PRO B 548 11.71 2.47 -11.44
N TRP B 549 11.22 3.42 -10.66
CA TRP B 549 9.85 3.87 -10.90
C TRP B 549 9.71 4.45 -12.29
N THR B 550 10.81 4.96 -12.85
CA THR B 550 10.80 5.56 -14.17
C THR B 550 10.56 4.49 -15.22
N LEU B 551 11.11 3.30 -15.00
CA LEU B 551 10.96 2.20 -15.91
C LEU B 551 9.56 1.67 -15.78
N ALA B 552 9.14 1.50 -14.53
CA ALA B 552 7.85 0.93 -14.25
C ALA B 552 6.77 1.80 -14.85
N LEU B 553 6.93 3.12 -14.79
CA LEU B 553 5.96 4.02 -15.36
C LEU B 553 5.96 3.91 -16.87
N GLU B 554 7.14 3.84 -17.49
CA GLU B 554 7.22 3.78 -18.95
C GLU B 554 6.43 2.60 -19.47
N ASN B 555 6.49 1.49 -18.74
CA ASN B 555 5.81 0.28 -19.17
C ASN B 555 4.31 0.46 -19.36
N VAL B 556 3.69 1.43 -18.67
CA VAL B 556 2.26 1.64 -18.79
C VAL B 556 1.93 2.87 -19.60
N VAL B 557 2.63 3.98 -19.38
CA VAL B 557 2.19 5.20 -20.02
C VAL B 557 3.06 5.71 -21.18
N GLY B 558 4.20 5.07 -21.48
CA GLY B 558 5.04 5.54 -22.57
C GLY B 558 5.94 6.72 -22.24
N ALA B 559 6.23 6.92 -20.95
CA ALA B 559 7.06 8.03 -20.52
C ALA B 559 7.88 7.60 -19.33
N LYS B 560 9.03 8.22 -19.18
CA LYS B 560 9.92 7.93 -18.06
C LYS B 560 9.81 8.99 -16.99
N ASN B 561 8.84 9.87 -17.15
CA ASN B 561 8.69 10.97 -16.24
C ASN B 561 7.24 11.41 -16.16
N MET B 562 7.01 12.43 -15.35
CA MET B 562 5.70 13.02 -15.15
C MET B 562 5.34 13.80 -16.39
N ASN B 563 4.06 13.83 -16.69
CA ASN B 563 3.58 14.56 -17.85
C ASN B 563 2.21 15.12 -17.54
N VAL B 564 2.08 16.42 -17.67
CA VAL B 564 0.84 17.11 -17.36
C VAL B 564 -0.21 16.99 -18.45
N ARG B 565 0.17 16.68 -19.68
CA ARG B 565 -0.84 16.74 -20.73
C ARG B 565 -2.11 15.98 -20.38
N PRO B 566 -2.10 14.75 -19.88
CA PRO B 566 -3.29 14.02 -19.50
C PRO B 566 -4.20 14.80 -18.53
N LEU B 567 -3.64 15.65 -17.66
CA LEU B 567 -4.45 16.43 -16.73
C LEU B 567 -5.17 17.50 -17.50
N LEU B 568 -4.42 18.11 -18.39
CA LEU B 568 -4.96 19.20 -19.16
C LEU B 568 -6.02 18.65 -20.09
N ASN B 569 -5.78 17.44 -20.61
CA ASN B 569 -6.73 16.83 -21.55
C ASN B 569 -7.98 16.43 -20.81
N TYR B 570 -7.84 16.02 -19.55
CA TYR B 570 -8.98 15.64 -18.74
C TYR B 570 -9.89 16.84 -18.55
N PHE B 571 -9.28 17.98 -18.22
CA PHE B 571 -10.04 19.18 -17.97
C PHE B 571 -10.16 20.17 -19.13
N GLU B 572 -9.58 19.91 -20.29
CA GLU B 572 -9.70 20.84 -21.40
C GLU B 572 -11.13 21.32 -21.68
N PRO B 573 -12.20 20.48 -21.65
CA PRO B 573 -13.55 20.94 -21.86
C PRO B 573 -14.03 21.93 -20.80
N LEU B 574 -13.44 21.88 -19.59
CA LEU B 574 -13.82 22.79 -18.55
C LEU B 574 -13.11 24.07 -18.78
N PHE B 575 -11.86 23.94 -19.20
CA PHE B 575 -11.00 25.05 -19.46
C PHE B 575 -11.63 25.86 -20.57
N THR B 576 -12.09 25.17 -21.61
CA THR B 576 -12.71 25.84 -22.71
C THR B 576 -13.86 26.69 -22.19
N TRP B 577 -14.71 26.10 -21.34
CA TRP B 577 -15.81 26.84 -20.77
C TRP B 577 -15.32 28.03 -19.92
N LEU B 578 -14.30 27.81 -19.09
CA LEU B 578 -13.75 28.85 -18.22
C LEU B 578 -13.13 29.99 -19.03
N LYS B 579 -12.55 29.67 -20.19
CA LYS B 579 -12.01 30.69 -21.06
C LYS B 579 -13.14 31.52 -21.67
N ASP B 580 -14.26 30.87 -21.98
CA ASP B 580 -15.43 31.56 -22.53
C ASP B 580 -16.10 32.39 -21.43
N GLN B 581 -16.03 31.91 -20.22
CA GLN B 581 -16.52 32.63 -19.07
C GLN B 581 -15.46 33.66 -18.81
N ASN B 582 -15.64 34.50 -17.83
CA ASN B 582 -14.63 35.49 -17.56
C ASN B 582 -14.29 36.44 -18.72
N LYS B 583 -15.30 36.86 -19.51
CA LYS B 583 -15.07 37.85 -20.56
C LYS B 583 -15.26 39.24 -20.01
N ASN B 584 -15.76 39.28 -18.80
CA ASN B 584 -16.08 40.45 -18.03
C ASN B 584 -15.34 40.44 -16.69
N SER B 585 -14.19 39.79 -16.66
CA SER B 585 -13.40 39.66 -15.45
C SER B 585 -11.92 39.57 -15.79
N PHE B 586 -11.11 39.60 -14.74
CA PHE B 586 -9.66 39.54 -14.87
C PHE B 586 -9.16 38.15 -14.55
N VAL B 587 -8.22 37.65 -15.35
CA VAL B 587 -7.62 36.35 -15.07
C VAL B 587 -6.20 36.53 -14.62
N GLY B 588 -5.89 35.99 -13.45
CA GLY B 588 -4.58 36.14 -12.83
C GLY B 588 -4.77 37.02 -11.61
N TRP B 589 -3.69 37.36 -10.92
CA TRP B 589 -3.85 38.16 -9.72
C TRP B 589 -2.64 38.98 -9.37
N SER B 590 -2.86 40.06 -8.63
CA SER B 590 -1.76 40.82 -8.07
C SER B 590 -1.45 40.26 -6.71
N THR B 591 -0.28 40.61 -6.18
CA THR B 591 0.16 40.21 -4.85
C THR B 591 0.39 41.36 -3.88
N ASP B 592 0.03 42.57 -4.30
CA ASP B 592 0.15 43.80 -3.52
C ASP B 592 -1.01 44.02 -2.57
N TRP B 593 -2.22 43.81 -3.09
CA TRP B 593 -3.47 43.99 -2.38
C TRP B 593 -3.68 42.95 -1.33
N SER B 594 -4.23 43.36 -0.21
CA SER B 594 -4.57 42.44 0.83
C SER B 594 -5.89 42.89 1.45
N PRO B 595 -6.68 41.99 2.05
CA PRO B 595 -7.96 42.24 2.69
C PRO B 595 -7.86 43.13 3.91
N TYR B 596 -6.66 43.33 4.42
CA TYR B 596 -6.41 44.14 5.57
C TYR B 596 -5.74 45.46 5.20
N ALA B 597 -5.56 45.70 3.89
CA ALA B 597 -4.91 46.91 3.41
C ALA B 597 -5.77 48.12 3.69
N ASP B 598 -5.11 49.24 4.00
CA ASP B 598 -5.74 50.54 4.26
C ASP B 598 -4.68 51.57 4.66
C1 NAG C . -9.62 -40.68 7.40
C2 NAG C . -10.14 -41.85 6.53
C3 NAG C . -11.45 -41.43 5.86
C4 NAG C . -12.47 -41.02 6.93
C5 NAG C . -11.90 -39.93 7.86
C6 NAG C . -12.81 -39.59 9.04
C7 NAG C . -8.40 -41.61 4.78
C8 NAG C . -7.32 -42.34 3.99
N2 NAG C . -9.13 -42.37 5.60
O3 NAG C . -12.01 -42.53 5.10
O4 NAG C . -13.64 -40.51 6.25
O5 NAG C . -10.61 -40.39 8.43
O6 NAG C . -14.05 -39.05 8.56
O7 NAG C . -8.58 -40.40 4.68
C1 NAG D . -13.53 -15.01 -7.51
C2 NAG D . -13.70 -15.23 -9.05
C3 NAG D . -15.17 -15.14 -9.41
C4 NAG D . -15.90 -16.22 -8.63
C5 NAG D . -15.68 -15.98 -7.13
C6 NAG D . -16.40 -17.02 -6.32
C7 NAG D . -11.76 -14.50 -10.32
C8 NAG D . -11.01 -13.37 -10.95
N2 NAG D . -12.93 -14.23 -9.78
O3 NAG D . -15.35 -15.34 -10.82
O4 NAG D . -17.29 -16.17 -8.92
O5 NAG D . -14.26 -16.03 -6.80
O6 NAG D . -17.78 -17.09 -6.69
O7 NAG D . -11.32 -15.65 -10.32
C1 NAG E . 25.37 4.49 9.11
C2 NAG E . 25.26 3.50 10.38
C3 NAG E . 26.47 3.79 11.29
C4 NAG E . 27.78 3.53 10.56
C5 NAG E . 27.82 4.51 9.40
C6 NAG E . 29.07 4.28 8.57
C7 NAG E . 23.03 3.18 11.38
C8 NAG E . 22.01 3.74 12.33
N2 NAG E . 24.15 3.84 11.26
O3 NAG E . 26.39 2.96 12.45
O4 NAG E . 28.87 3.79 11.44
O5 NAG E . 26.68 4.27 8.54
O6 NAG E . 30.19 4.01 9.40
O7 NAG E . 22.82 2.14 10.75
C1 NAG F . -26.31 23.06 -24.26
C2 NAG F . -24.94 23.83 -24.20
C3 NAG F . -25.07 24.95 -25.23
C4 NAG F . -25.38 24.36 -26.60
C5 NAG F . -26.68 23.57 -26.50
C6 NAG F . -27.07 23.04 -27.84
C7 NAG F . -23.55 24.58 -22.38
C8 NAG F . -23.46 25.04 -20.97
N2 NAG F . -24.75 24.38 -22.87
O3 NAG F . -23.86 25.70 -25.30
O4 NAG F . -25.55 25.41 -27.54
O5 NAG F . -26.57 22.49 -25.54
O6 NAG F . -27.47 24.10 -28.68
O7 NAG F . -22.55 24.39 -23.09
C1 NAG G . -19.60 -5.59 -18.24
C2 NAG G . -20.18 -4.25 -18.80
C3 NAG G . -21.38 -4.64 -19.66
C4 NAG G . -20.87 -5.57 -20.77
C5 NAG G . -20.25 -6.80 -20.12
C6 NAG G . -19.80 -7.76 -21.19
C7 NAG G . -20.02 -2.27 -17.40
C8 NAG G . -20.45 -1.57 -16.14
N2 NAG G . -20.59 -3.42 -17.67
O3 NAG G . -21.99 -3.48 -20.24
O4 NAG G . -21.94 -5.98 -21.59
O5 NAG G . -19.12 -6.46 -19.27
O6 NAG G . -20.79 -7.84 -22.21
O7 NAG G . -19.19 -1.76 -18.14
C1 NAG H . 19.86 -10.81 -10.26
C2 NAG H . 21.01 -11.24 -11.27
C3 NAG H . 20.27 -11.81 -12.49
C4 NAG H . 19.42 -13.02 -12.10
C5 NAG H . 18.39 -12.54 -11.10
C6 NAG H . 17.54 -13.70 -10.61
C7 NAG H . 22.97 -10.29 -12.28
C8 NAG H . 23.73 -9.09 -12.78
N2 NAG H . 21.77 -10.12 -11.78
O3 NAG H . 21.22 -12.22 -13.49
O4 NAG H . 18.75 -13.55 -13.24
O5 NAG H . 19.05 -11.97 -9.96
O6 NAG H . 17.04 -14.45 -11.71
O7 NAG H . 23.47 -11.42 -12.33
C1 NAG I . -11.46 -5.87 22.47
C2 NAG I . -12.07 -6.63 21.24
C3 NAG I . -12.12 -8.11 21.68
C4 NAG I . -10.69 -8.56 22.02
C5 NAG I . -10.16 -7.68 23.15
C6 NAG I . -8.77 -8.09 23.55
C7 NAG I . -13.82 -6.10 19.69
C8 NAG I . -15.19 -5.57 19.43
N2 NAG I . -13.40 -6.16 20.93
O3 NAG I . -12.64 -8.92 20.63
O4 NAG I . -10.71 -9.90 22.46
O5 NAG I . -10.13 -6.28 22.77
O6 NAG I . -8.80 -8.82 24.77
O7 NAG I . -13.10 -6.49 18.76
#